data_7TWE
#
_entry.id   7TWE
#
_cell.length_a   54.426
_cell.length_b   54.054
_cell.length_c   148.290
_cell.angle_alpha   90.000
_cell.angle_beta   92.971
_cell.angle_gamma   90.000
#
_symmetry.space_group_name_H-M   'P 1 21 1'
#
loop_
_entity.id
_entity.type
_entity.pdbx_description
1 polymer 'DUF1479 domain-containing protein'
2 non-polymer 'MANGANESE (II) ION'
3 non-polymer '2-OXOGLUTARIC ACID'
4 non-polymer 1,2-ETHANEDIOL
5 water water
#
_entity_poly.entity_id   1
_entity_poly.type   'polypeptide(L)'
_entity_poly.pdbx_seq_one_letter_code
;SNA(MSE)ASLHIDDIPAAIKAVKQQLRQALPDYQQVFQAVEENIRQQV(MSE)EIRRNLAEGKNPVPQLHADDIINGKV
TEEQKAQIKQRGCCAILGVFPQEKATAWNREIGDYLDRNNFVERLKNAAEDNYFGTLAASKPQIYGIYWSTPQVEARQDK
R(MSE)QAVQIFLNNLWQTESNGKQHFDANRVVTYADRTRRRPPKSSSLGLSPHVDGGSIERWLDENFRHVYRHVFSGQW
QKYDPFAAEGRPEVREFPSPAVCS(MSE)FRTFQGWTALTPQRTHAGTLNVIPIANA(MSE)AYILLRALQDDVADDDLC
GAAPGRALSASEQWHPLL(MSE)EAISPIPDLEAGDTVFWHCDVIHSVENEHNGEFDSNV(MSE)YIAAAPWCEKNAAYL
PRQLASFIDGRSPPDFAADDFEVDFIGRATIKNLTEIGKQQLGITD
;
_entity_poly.pdbx_strand_id   A,B
#
# COMPACT_ATOMS: atom_id res chain seq x y z
N ALA A 5 -1.09 -16.97 -7.18
CA ALA A 5 -2.21 -16.76 -6.29
C ALA A 5 -2.24 -15.33 -5.76
N SER A 6 -1.11 -14.64 -5.90
CA SER A 6 -0.96 -13.28 -5.39
C SER A 6 -0.36 -12.39 -6.47
N LEU A 7 -0.60 -11.09 -6.33
CA LEU A 7 -0.11 -10.10 -7.27
C LEU A 7 1.12 -9.40 -6.69
N HIS A 8 2.11 -9.15 -7.54
CA HIS A 8 3.38 -8.56 -7.11
C HIS A 8 3.79 -7.48 -8.12
N ILE A 9 3.81 -6.23 -7.66
CA ILE A 9 4.23 -5.09 -8.48
C ILE A 9 5.11 -4.20 -7.62
N ASP A 10 6.30 -3.89 -8.11
CA ASP A 10 7.25 -3.10 -7.33
C ASP A 10 6.93 -1.61 -7.38
N ASP A 11 6.71 -1.06 -8.57
CA ASP A 11 6.42 0.36 -8.75
C ASP A 11 4.98 0.49 -9.21
N ILE A 12 4.08 0.77 -8.26
CA ILE A 12 2.65 0.87 -8.54
C ILE A 12 2.32 2.13 -9.34
N PRO A 13 2.82 3.33 -8.97
CA PRO A 13 2.50 4.51 -9.78
C PRO A 13 2.92 4.38 -11.24
N ALA A 14 4.07 3.77 -11.51
CA ALA A 14 4.49 3.57 -12.89
C ALA A 14 3.59 2.57 -13.62
N ALA A 15 3.16 1.53 -12.93
CA ALA A 15 2.25 0.55 -13.53
C ALA A 15 0.90 1.17 -13.85
N ILE A 16 0.43 2.10 -13.01
CA ILE A 16 -0.85 2.75 -13.27
C ILE A 16 -0.77 3.59 -14.54
N LYS A 17 0.33 4.34 -14.71
CA LYS A 17 0.50 5.13 -15.92
C LYS A 17 0.54 4.24 -17.16
N ALA A 18 1.19 3.08 -17.05
CA ALA A 18 1.29 2.19 -18.21
C ALA A 18 -0.06 1.54 -18.55
N VAL A 19 -0.80 1.10 -17.53
CA VAL A 19 -2.06 0.40 -17.78
C VAL A 19 -3.11 1.37 -18.30
N LYS A 20 -3.19 2.58 -17.72
CA LYS A 20 -4.16 3.56 -18.19
C LYS A 20 -3.94 3.91 -19.65
N GLN A 21 -2.68 4.05 -20.06
CA GLN A 21 -2.38 4.30 -21.46
C GLN A 21 -2.70 3.08 -22.31
N GLN A 22 -2.60 1.88 -21.73
CA GLN A 22 -2.97 0.67 -22.46
C GLN A 22 -4.48 0.56 -22.61
N LEU A 23 -5.23 0.90 -21.55
CA LEU A 23 -6.68 0.82 -21.62
C LEU A 23 -7.26 1.91 -22.52
N ARG A 24 -6.66 3.09 -22.50
CA ARG A 24 -7.18 4.20 -23.31
C ARG A 24 -6.99 3.95 -24.80
N GLN A 25 -5.96 3.19 -25.18
CA GLN A 25 -5.77 2.85 -26.58
C GLN A 25 -6.75 1.79 -27.05
N ALA A 26 -6.97 0.76 -26.22
CA ALA A 26 -7.94 -0.27 -26.56
C ALA A 26 -9.36 0.27 -26.58
N LEU A 27 -9.63 1.37 -25.88
CA LEU A 27 -10.94 2.01 -25.85
C LEU A 27 -10.74 3.50 -26.12
N PRO A 28 -10.53 3.87 -27.39
CA PRO A 28 -10.30 5.30 -27.69
C PRO A 28 -11.49 6.18 -27.39
N ASP A 29 -12.69 5.62 -27.31
CA ASP A 29 -13.90 6.36 -26.94
C ASP A 29 -14.24 6.18 -25.47
N TYR A 30 -13.22 6.19 -24.61
CA TYR A 30 -13.46 5.92 -23.19
C TYR A 30 -14.33 6.98 -22.54
N GLN A 31 -14.29 8.21 -23.05
CA GLN A 31 -15.17 9.25 -22.51
C GLN A 31 -16.61 9.03 -22.94
N GLN A 32 -16.83 8.64 -24.19
CA GLN A 32 -18.19 8.38 -24.67
C GLN A 32 -18.82 7.21 -23.93
N VAL A 33 -18.01 6.19 -23.60
CA VAL A 33 -18.55 5.04 -22.87
C VAL A 33 -18.88 5.43 -21.43
N PHE A 34 -18.06 6.28 -20.82
CA PHE A 34 -18.30 6.68 -19.43
C PHE A 34 -19.58 7.49 -19.30
N GLN A 35 -19.82 8.42 -20.22
CA GLN A 35 -21.01 9.26 -20.13
C GLN A 35 -22.30 8.49 -20.37
N ALA A 36 -22.22 7.34 -21.04
CA ALA A 36 -23.36 6.44 -21.19
C ALA A 36 -23.56 5.55 -19.97
N VAL A 37 -22.46 5.06 -19.37
CA VAL A 37 -22.56 4.33 -18.12
C VAL A 37 -23.09 5.24 -17.02
N GLU A 38 -22.61 6.48 -16.99
CA GLU A 38 -23.09 7.46 -16.01
C GLU A 38 -24.59 7.68 -16.14
N GLU A 39 -25.12 7.62 -17.37
CA GLU A 39 -26.56 7.76 -17.55
C GLU A 39 -27.32 6.56 -16.99
N ASN A 40 -26.72 5.37 -17.06
CA ASN A 40 -27.36 4.20 -16.48
C ASN A 40 -27.33 4.23 -14.96
N ILE A 41 -26.22 4.73 -14.39
CA ILE A 41 -26.13 4.84 -12.93
C ILE A 41 -27.02 5.98 -12.43
N ARG A 42 -27.11 7.06 -13.20
CA ARG A 42 -27.89 8.22 -12.78
C ARG A 42 -29.36 7.86 -12.58
N GLN A 43 -29.94 7.13 -13.52
CA GLN A 43 -31.35 6.74 -13.40
C GLN A 43 -31.58 5.81 -12.21
N GLN A 44 -30.60 4.95 -11.90
CA GLN A 44 -30.72 4.13 -10.70
C GLN A 44 -30.59 4.98 -9.44
N VAL A 45 -29.69 5.96 -9.45
CA VAL A 45 -29.54 6.85 -8.30
C VAL A 45 -30.83 7.63 -8.04
N GLU A 47 -33.86 6.75 -8.99
CA GLU A 47 -34.89 5.81 -8.56
C GLU A 47 -34.73 5.48 -7.08
N ILE A 48 -33.49 5.41 -6.59
CA ILE A 48 -33.25 5.13 -5.18
C ILE A 48 -33.71 6.29 -4.31
N ARG A 49 -33.39 7.52 -4.72
CA ARG A 49 -33.77 8.69 -3.94
C ARG A 49 -35.27 8.94 -3.98
N ARG A 50 -35.95 8.48 -5.04
CA ARG A 50 -37.40 8.57 -5.09
C ARG A 50 -38.03 7.78 -3.94
N ASN A 51 -37.51 6.57 -3.68
CA ASN A 51 -38.10 5.70 -2.67
C ASN A 51 -37.86 6.23 -1.27
N LEU A 52 -36.64 6.68 -0.98
CA LEU A 52 -36.31 7.16 0.36
C LEU A 52 -37.16 8.38 0.74
N ALA A 53 -37.35 9.31 -0.20
CA ALA A 53 -38.22 10.45 0.06
C ALA A 53 -39.69 10.06 0.11
N GLU A 54 -40.04 8.87 -0.34
CA GLU A 54 -41.42 8.42 -0.38
C GLU A 54 -41.82 7.61 0.85
N GLY A 55 -40.85 7.11 1.61
CA GLY A 55 -41.12 6.28 2.77
C GLY A 55 -40.75 4.82 2.60
N LYS A 56 -40.28 4.42 1.42
CA LYS A 56 -39.86 3.06 1.17
C LYS A 56 -38.34 2.94 1.29
N ASN A 57 -37.87 1.69 1.28
CA ASN A 57 -36.45 1.40 1.31
C ASN A 57 -36.05 0.69 0.04
N PRO A 58 -35.01 1.15 -0.66
CA PRO A 58 -34.62 0.52 -1.94
C PRO A 58 -33.93 -0.82 -1.81
N VAL A 59 -33.65 -1.29 -0.59
CA VAL A 59 -33.05 -2.60 -0.37
C VAL A 59 -34.17 -3.62 -0.33
N PRO A 60 -34.19 -4.61 -1.23
CA PRO A 60 -35.29 -5.58 -1.24
C PRO A 60 -35.34 -6.38 0.06
N GLN A 61 -36.56 -6.70 0.48
CA GLN A 61 -36.80 -7.44 1.71
C GLN A 61 -37.51 -8.75 1.40
N LEU A 62 -37.04 -9.83 2.02
CA LEU A 62 -37.64 -11.14 1.88
C LEU A 62 -37.73 -11.78 3.26
N HIS A 63 -38.61 -12.78 3.38
CA HIS A 63 -38.74 -13.56 4.59
C HIS A 63 -38.13 -14.95 4.35
N ALA A 64 -37.42 -15.45 5.36
CA ALA A 64 -36.76 -16.74 5.22
C ALA A 64 -37.73 -17.86 4.91
N ASP A 65 -38.95 -17.80 5.45
CA ASP A 65 -39.96 -18.81 5.16
C ASP A 65 -40.36 -18.80 3.69
N ASP A 66 -40.35 -17.63 3.06
CA ASP A 66 -40.64 -17.56 1.62
C ASP A 66 -39.56 -18.29 0.83
N ILE A 67 -38.30 -18.15 1.23
CA ILE A 67 -37.20 -18.82 0.54
C ILE A 67 -37.29 -20.33 0.75
N ILE A 68 -37.56 -20.76 1.98
CA ILE A 68 -37.58 -22.19 2.28
C ILE A 68 -38.72 -22.88 1.55
N ASN A 69 -39.90 -22.26 1.53
CA ASN A 69 -41.06 -22.84 0.86
C ASN A 69 -41.00 -22.68 -0.66
N GLY A 70 -40.01 -21.96 -1.19
CA GLY A 70 -39.92 -21.77 -2.62
C GLY A 70 -40.97 -20.82 -3.19
N LYS A 71 -41.22 -19.70 -2.51
CA LYS A 71 -42.22 -18.74 -2.95
C LYS A 71 -41.63 -17.51 -3.59
N VAL A 72 -40.30 -17.42 -3.70
CA VAL A 72 -39.66 -16.24 -4.26
C VAL A 72 -39.95 -16.19 -5.75
N THR A 73 -40.56 -15.09 -6.20
CA THR A 73 -40.86 -14.91 -7.61
C THR A 73 -39.60 -14.50 -8.37
N GLU A 74 -39.68 -14.63 -9.71
CA GLU A 74 -38.56 -14.22 -10.54
C GLU A 74 -38.37 -12.72 -10.57
N GLU A 75 -39.42 -11.95 -10.32
CA GLU A 75 -39.27 -10.49 -10.23
C GLU A 75 -38.55 -10.09 -8.95
N GLN A 76 -38.76 -10.84 -7.87
CA GLN A 76 -38.03 -10.58 -6.63
C GLN A 76 -36.55 -10.88 -6.81
N LYS A 77 -36.21 -11.93 -7.56
CA LYS A 77 -34.81 -12.24 -7.81
C LYS A 77 -34.16 -11.20 -8.70
N ALA A 78 -34.89 -10.70 -9.71
CA ALA A 78 -34.34 -9.67 -10.58
C ALA A 78 -34.10 -8.36 -9.82
N GLN A 79 -34.90 -8.08 -8.80
CA GLN A 79 -34.69 -6.86 -8.02
C GLN A 79 -33.48 -7.00 -7.11
N ILE A 80 -33.25 -8.20 -6.57
CA ILE A 80 -32.07 -8.44 -5.76
C ILE A 80 -30.81 -8.30 -6.61
N LYS A 81 -30.83 -8.86 -7.81
CA LYS A 81 -29.65 -8.81 -8.67
C LYS A 81 -29.38 -7.40 -9.19
N GLN A 82 -30.41 -6.57 -9.30
CA GLN A 82 -30.20 -5.19 -9.72
C GLN A 82 -29.75 -4.32 -8.56
N ARG A 83 -30.33 -4.51 -7.38
CA ARG A 83 -29.89 -3.76 -6.21
C ARG A 83 -28.57 -4.29 -5.66
N GLY A 84 -28.28 -5.57 -5.85
CA GLY A 84 -27.07 -6.16 -5.32
C GLY A 84 -27.06 -6.40 -3.83
N CYS A 85 -28.22 -6.36 -3.19
CA CYS A 85 -28.31 -6.57 -1.75
C CYS A 85 -29.71 -7.02 -1.41
N CYS A 86 -29.86 -7.60 -0.22
CA CYS A 86 -31.14 -8.11 0.22
C CYS A 86 -31.16 -8.23 1.74
N ALA A 87 -32.25 -7.79 2.35
CA ALA A 87 -32.50 -7.97 3.77
C ALA A 87 -33.49 -9.11 3.93
N ILE A 88 -33.08 -10.16 4.63
CA ILE A 88 -33.88 -11.37 4.78
C ILE A 88 -34.30 -11.48 6.24
N LEU A 89 -35.61 -11.52 6.49
CA LEU A 89 -36.17 -11.46 7.82
C LEU A 89 -36.50 -12.84 8.36
N GLY A 90 -36.48 -12.96 9.68
CA GLY A 90 -36.90 -14.19 10.33
C GLY A 90 -36.03 -15.41 10.03
N VAL A 91 -34.73 -15.21 9.78
CA VAL A 91 -33.84 -16.34 9.58
C VAL A 91 -33.76 -17.17 10.86
N PHE A 92 -33.54 -16.50 11.99
CA PHE A 92 -33.51 -17.12 13.30
C PHE A 92 -34.65 -16.57 14.15
N PRO A 93 -35.22 -17.39 15.03
CA PRO A 93 -36.27 -16.88 15.92
C PRO A 93 -35.74 -15.76 16.81
N GLN A 94 -36.56 -14.71 16.96
CA GLN A 94 -36.12 -13.53 17.69
C GLN A 94 -35.80 -13.86 19.15
N GLU A 95 -36.52 -14.82 19.73
CA GLU A 95 -36.26 -15.23 21.11
C GLU A 95 -34.85 -15.77 21.26
N LYS A 96 -34.41 -16.60 20.31
CA LYS A 96 -33.05 -17.15 20.36
C LYS A 96 -32.01 -16.08 20.07
N ALA A 97 -32.29 -15.19 19.10
CA ALA A 97 -31.31 -14.17 18.72
C ALA A 97 -31.10 -13.17 19.84
N THR A 98 -32.17 -12.83 20.55
CA THR A 98 -32.03 -11.94 21.70
C THR A 98 -31.26 -12.63 22.82
N ALA A 99 -31.44 -13.95 22.98
CA ALA A 99 -30.63 -14.69 23.96
C ALA A 99 -29.19 -14.83 23.50
N TRP A 100 -28.97 -14.96 22.18
CA TRP A 100 -27.60 -15.00 21.66
C TRP A 100 -26.87 -13.70 21.96
N ASN A 101 -27.59 -12.57 21.99
CA ASN A 101 -26.95 -11.29 22.28
C ASN A 101 -26.42 -11.26 23.71
N ARG A 102 -27.22 -11.73 24.68
CA ARG A 102 -26.78 -11.72 26.06
C ARG A 102 -25.80 -12.85 26.38
N GLU A 103 -25.75 -13.89 25.56
CA GLU A 103 -24.76 -14.94 25.77
C GLU A 103 -23.36 -14.45 25.40
N ILE A 104 -23.23 -13.74 24.28
CA ILE A 104 -21.94 -13.18 23.91
C ILE A 104 -21.49 -12.15 24.93
N GLY A 105 -22.44 -11.39 25.47
CA GLY A 105 -22.11 -10.43 26.51
C GLY A 105 -21.55 -11.09 27.75
N ASP A 106 -22.22 -12.15 28.21
CA ASP A 106 -21.68 -12.93 29.33
C ASP A 106 -20.39 -13.62 28.94
N TYR A 107 -20.25 -14.02 27.67
CA TYR A 107 -19.04 -14.67 27.22
C TYR A 107 -17.83 -13.74 27.32
N LEU A 108 -18.03 -12.46 27.03
CA LEU A 108 -16.94 -11.49 27.14
C LEU A 108 -16.72 -11.07 28.59
N ASP A 109 -17.81 -10.89 29.35
CA ASP A 109 -17.68 -10.48 30.75
C ASP A 109 -17.01 -11.55 31.59
N ARG A 110 -17.29 -12.83 31.30
CA ARG A 110 -16.78 -13.91 32.14
C ARG A 110 -15.26 -14.02 32.05
N ASN A 111 -14.71 -13.93 30.83
CA ASN A 111 -13.29 -14.10 30.61
C ASN A 111 -12.50 -12.80 30.68
N ASN A 112 -13.15 -11.71 31.07
CA ASN A 112 -12.51 -10.40 31.20
C ASN A 112 -11.83 -9.99 29.89
N PHE A 113 -12.65 -9.91 28.83
CA PHE A 113 -12.12 -9.62 27.50
C PHE A 113 -11.53 -8.21 27.41
N VAL A 114 -12.07 -7.26 28.18
CA VAL A 114 -11.62 -5.88 28.10
C VAL A 114 -10.16 -5.77 28.55
N GLU A 115 -9.86 -6.29 29.74
CA GLU A 115 -8.50 -6.19 30.27
C GLU A 115 -7.52 -7.05 29.48
N ARG A 116 -7.99 -8.18 28.93
CA ARG A 116 -7.12 -9.01 28.10
C ARG A 116 -6.62 -8.24 26.89
N LEU A 117 -7.50 -7.49 26.22
CA LEU A 117 -7.10 -6.71 25.06
C LEU A 117 -6.09 -5.63 25.44
N LYS A 118 -6.31 -4.97 26.58
CA LYS A 118 -5.38 -3.92 27.01
C LYS A 118 -4.03 -4.50 27.39
N ASN A 119 -4.03 -5.66 28.08
CA ASN A 119 -2.77 -6.28 28.46
C ASN A 119 -2.02 -6.83 27.25
N ALA A 120 -2.75 -7.30 26.23
CA ALA A 120 -2.12 -7.85 25.04
C ALA A 120 -1.44 -6.75 24.23
N ASN A 124 2.39 -1.74 22.76
CA ASN A 124 2.16 -0.90 21.59
C ASN A 124 1.22 0.25 21.90
N TYR A 125 1.69 1.48 21.70
CA TYR A 125 0.85 2.65 21.94
C TYR A 125 -0.37 2.66 21.02
N PHE A 126 -0.17 2.29 19.75
CA PHE A 126 -1.30 2.23 18.82
C PHE A 126 -2.27 1.12 19.19
N GLY A 127 -1.78 0.05 19.81
CA GLY A 127 -2.67 -0.96 20.36
C GLY A 127 -3.35 -0.50 21.63
N THR A 128 -2.70 0.40 22.38
CA THR A 128 -3.31 0.95 23.57
C THR A 128 -4.53 1.79 23.23
N LEU A 129 -4.45 2.57 22.14
CA LEU A 129 -5.59 3.38 21.71
C LEU A 129 -6.76 2.48 21.31
N ALA A 130 -6.49 1.49 20.46
CA ALA A 130 -7.53 0.58 20.00
C ALA A 130 -8.02 -0.32 21.14
N LYS A 133 -11.62 1.06 23.88
CA LYS A 133 -13.06 0.90 23.65
C LYS A 133 -13.33 0.21 22.32
N PRO A 134 -13.18 -1.11 22.29
CA PRO A 134 -13.39 -1.85 21.04
C PRO A 134 -14.88 -1.96 20.72
N GLN A 135 -15.18 -1.89 19.42
CA GLN A 135 -16.52 -2.13 18.91
C GLN A 135 -16.59 -3.35 18.00
N ILE A 136 -15.50 -3.65 17.28
CA ILE A 136 -15.34 -4.92 16.59
C ILE A 136 -14.48 -5.82 17.46
N TYR A 137 -14.98 -7.01 17.77
CA TYR A 137 -14.36 -7.89 18.75
C TYR A 137 -13.67 -9.05 18.04
N GLY A 138 -12.43 -9.32 18.45
CA GLY A 138 -11.64 -10.39 17.85
C GLY A 138 -11.95 -11.75 18.45
N ILE A 139 -13.24 -12.07 18.57
CA ILE A 139 -13.68 -13.38 19.01
C ILE A 139 -14.35 -14.08 17.83
N TYR A 140 -14.15 -15.39 17.73
CA TYR A 140 -14.62 -16.16 16.59
C TYR A 140 -15.33 -17.44 16.97
N TRP A 141 -15.18 -17.93 18.20
CA TRP A 141 -15.72 -19.24 18.55
C TRP A 141 -16.67 -19.18 19.74
N SER A 142 -17.61 -18.23 19.71
CA SER A 142 -18.67 -18.22 20.70
C SER A 142 -19.78 -19.18 20.27
N THR A 143 -20.52 -19.69 21.25
CA THR A 143 -21.60 -20.61 20.94
C THR A 143 -22.66 -20.01 20.03
N PRO A 144 -23.09 -18.75 20.19
CA PRO A 144 -24.01 -18.17 19.20
C PRO A 144 -23.43 -18.08 17.80
N GLN A 145 -22.14 -17.74 17.69
CA GLN A 145 -21.51 -17.65 16.37
C GLN A 145 -21.49 -19.02 15.68
N VAL A 146 -21.02 -20.04 16.38
CA VAL A 146 -20.90 -21.37 15.78
C VAL A 146 -22.27 -21.93 15.45
N GLU A 147 -23.25 -21.71 16.33
CA GLU A 147 -24.59 -22.26 16.11
C GLU A 147 -25.29 -21.61 14.92
N ALA A 148 -25.09 -20.29 14.75
CA ALA A 148 -25.79 -19.58 13.67
C ALA A 148 -25.21 -19.94 12.31
N ARG A 149 -23.92 -20.24 12.23
CA ARG A 149 -23.31 -20.62 10.96
C ARG A 149 -23.84 -21.95 10.45
N GLN A 150 -24.23 -22.84 11.35
CA GLN A 150 -24.64 -24.20 11.00
C GLN A 150 -26.15 -24.39 11.03
N ASP A 151 -26.93 -23.32 11.15
CA ASP A 151 -28.38 -23.44 11.17
C ASP A 151 -28.89 -23.80 9.79
N LYS A 152 -29.88 -24.71 9.74
CA LYS A 152 -30.40 -25.15 8.46
C LYS A 152 -31.15 -24.05 7.73
N ARG A 153 -31.72 -23.09 8.46
CA ARG A 153 -32.40 -21.98 7.81
C ARG A 153 -31.39 -21.00 7.23
N GLN A 155 -28.42 -21.96 6.18
CA GLN A 155 -27.87 -22.68 5.04
C GLN A 155 -28.78 -22.58 3.83
N ALA A 156 -30.09 -22.75 4.03
CA ALA A 156 -31.02 -22.65 2.91
C ALA A 156 -31.04 -21.25 2.32
N VAL A 157 -30.90 -20.23 3.17
CA VAL A 157 -30.85 -18.86 2.68
C VAL A 157 -29.59 -18.63 1.85
N GLN A 158 -28.46 -19.15 2.30
CA GLN A 158 -27.21 -18.96 1.57
C GLN A 158 -27.20 -19.74 0.27
N ILE A 159 -27.89 -20.88 0.21
CA ILE A 159 -27.99 -21.61 -1.05
C ILE A 159 -28.82 -20.81 -2.06
N PHE A 160 -29.88 -20.16 -1.59
CA PHE A 160 -30.71 -19.34 -2.49
C PHE A 160 -29.91 -18.17 -3.06
N LEU A 161 -29.15 -17.48 -2.21
CA LEU A 161 -28.36 -16.34 -2.67
C LEU A 161 -27.30 -16.77 -3.67
N ASN A 162 -26.68 -17.93 -3.45
CA ASN A 162 -25.64 -18.40 -4.37
C ASN A 162 -26.22 -18.91 -5.68
N ASN A 163 -27.49 -19.29 -5.71
CA ASN A 163 -28.12 -19.72 -6.95
C ASN A 163 -28.59 -18.56 -7.82
N LEU A 164 -28.39 -17.32 -7.38
CA LEU A 164 -28.64 -16.16 -8.22
C LEU A 164 -27.52 -15.93 -9.23
N TRP A 165 -26.36 -16.53 -9.02
CA TRP A 165 -25.20 -16.33 -9.87
C TRP A 165 -25.26 -17.25 -11.08
N GLN A 166 -24.51 -16.87 -12.12
CA GLN A 166 -24.26 -17.74 -13.27
C GLN A 166 -22.97 -18.50 -12.97
N THR A 167 -23.10 -19.75 -12.55
CA THR A 167 -21.97 -20.50 -12.03
C THR A 167 -21.19 -21.25 -13.10
N GLU A 168 -21.77 -21.47 -14.28
CA GLU A 168 -21.17 -22.32 -15.30
C GLU A 168 -20.95 -21.53 -16.58
N SER A 169 -19.77 -21.70 -17.17
CA SER A 169 -19.41 -21.09 -18.44
C SER A 169 -18.15 -21.76 -18.96
N ASN A 170 -18.08 -21.94 -20.28
CA ASN A 170 -16.92 -22.53 -20.95
C ASN A 170 -16.62 -23.93 -20.39
N GLY A 171 -17.66 -24.73 -20.24
CA GLY A 171 -17.51 -26.09 -19.75
C GLY A 171 -16.86 -26.19 -18.39
N LYS A 172 -17.18 -25.27 -17.48
CA LYS A 172 -16.53 -25.21 -16.19
C LYS A 172 -17.51 -24.64 -15.16
N GLN A 173 -17.64 -25.31 -14.03
CA GLN A 173 -18.47 -24.84 -12.92
C GLN A 173 -17.57 -24.08 -11.96
N HIS A 174 -17.72 -22.75 -11.94
CA HIS A 174 -16.79 -21.90 -11.20
C HIS A 174 -16.98 -22.00 -9.69
N PHE A 175 -18.17 -22.38 -9.24
CA PHE A 175 -18.36 -22.76 -7.84
C PHE A 175 -19.63 -23.60 -7.74
N ASP A 176 -19.79 -24.23 -6.58
CA ASP A 176 -20.95 -25.08 -6.29
C ASP A 176 -21.93 -24.26 -5.46
N ALA A 177 -23.00 -23.78 -6.12
CA ALA A 177 -24.00 -22.98 -5.42
C ALA A 177 -24.81 -23.80 -4.43
N ASN A 178 -24.83 -25.12 -4.56
CA ASN A 178 -25.60 -25.97 -3.65
C ASN A 178 -24.79 -26.48 -2.47
N ARG A 179 -23.48 -26.23 -2.45
CA ARG A 179 -22.63 -26.55 -1.31
C ARG A 179 -22.16 -25.27 -0.64
N VAL A 180 -22.19 -25.26 0.69
CA VAL A 180 -21.86 -24.09 1.49
C VAL A 180 -20.68 -24.42 2.40
N VAL A 181 -19.75 -23.48 2.49
CA VAL A 181 -18.64 -23.57 3.44
C VAL A 181 -18.74 -22.41 4.41
N THR A 182 -18.18 -22.59 5.60
CA THR A 182 -18.24 -21.61 6.67
C THR A 182 -16.96 -20.79 6.71
N TYR A 183 -17.11 -19.47 6.73
CA TYR A 183 -15.99 -18.54 6.88
C TYR A 183 -16.16 -17.84 8.22
N ALA A 184 -15.36 -18.25 9.20
CA ALA A 184 -15.44 -17.64 10.53
C ALA A 184 -15.02 -16.18 10.48
N ASP A 185 -15.87 -15.31 11.01
CA ASP A 185 -15.63 -13.87 11.03
C ASP A 185 -15.83 -13.35 12.44
N ARG A 186 -15.74 -12.03 12.59
CA ARG A 186 -15.78 -11.40 13.90
C ARG A 186 -17.22 -11.02 14.26
N THR A 187 -17.39 -10.31 15.37
CA THR A 187 -18.67 -9.80 15.81
C THR A 187 -18.53 -8.32 16.11
N ARG A 188 -19.67 -7.62 16.12
CA ARG A 188 -19.71 -6.19 16.37
C ARG A 188 -20.72 -5.89 17.46
N ARG A 189 -20.34 -5.01 18.40
CA ARG A 189 -21.23 -4.56 19.47
C ARG A 189 -21.02 -3.06 19.62
N ARG A 190 -22.02 -2.28 19.22
CA ARG A 190 -21.90 -0.82 19.17
C ARG A 190 -22.91 -0.17 20.09
N PRO A 191 -22.49 0.56 21.12
CA PRO A 191 -23.43 1.23 22.00
C PRO A 191 -23.78 2.61 21.49
N PRO A 192 -24.86 3.22 22.00
CA PRO A 192 -25.21 4.57 21.56
C PRO A 192 -24.18 5.60 21.99
N LYS A 193 -24.09 6.68 21.21
CA LYS A 193 -23.16 7.78 21.45
C LYS A 193 -21.71 7.30 21.52
N SER A 194 -21.40 6.24 20.78
CA SER A 194 -20.05 5.71 20.74
C SER A 194 -19.26 6.35 19.60
N SER A 195 -17.94 6.18 19.66
CA SER A 195 -17.07 6.77 18.66
C SER A 195 -17.23 6.07 17.32
N SER A 196 -17.08 6.84 16.24
CA SER A 196 -17.15 6.29 14.90
C SER A 196 -15.87 5.50 14.59
N LEU A 197 -16.01 4.54 13.68
CA LEU A 197 -14.85 3.79 13.22
C LEU A 197 -14.20 4.41 11.99
N GLY A 198 -14.97 5.13 11.20
CA GLY A 198 -14.47 5.69 9.96
C GLY A 198 -14.74 4.86 8.73
N LEU A 199 -15.62 3.86 8.81
CA LEU A 199 -15.95 3.02 7.67
C LEU A 199 -16.75 3.85 6.66
N SER A 200 -16.03 4.67 5.91
CA SER A 200 -16.61 5.44 4.83
C SER A 200 -17.00 4.49 3.70
N PRO A 201 -17.82 4.94 2.75
CA PRO A 201 -18.20 4.07 1.63
C PRO A 201 -17.00 3.43 0.95
N HIS A 202 -17.03 2.11 0.86
CA HIS A 202 -15.89 1.34 0.38
C HIS A 202 -16.38 0.03 -0.21
N VAL A 203 -15.47 -0.66 -0.91
CA VAL A 203 -15.71 -1.99 -1.46
C VAL A 203 -14.56 -2.89 -1.03
N ASP A 204 -14.90 -4.05 -0.47
CA ASP A 204 -13.89 -5.02 -0.05
C ASP A 204 -13.53 -5.96 -1.20
N GLY A 205 -12.38 -6.59 -1.07
CA GLY A 205 -11.92 -7.56 -2.04
C GLY A 205 -10.98 -7.05 -3.11
N GLY A 206 -10.25 -5.96 -2.86
CA GLY A 206 -9.32 -5.45 -3.84
C GLY A 206 -9.58 -4.01 -4.23
N SER A 207 -8.52 -3.29 -4.59
CA SER A 207 -8.64 -1.89 -4.97
C SER A 207 -8.02 -1.66 -6.35
N ILE A 208 -6.74 -1.24 -6.38
CA ILE A 208 -6.08 -0.99 -7.66
C ILE A 208 -5.84 -2.28 -8.44
N GLU A 209 -5.96 -3.44 -7.80
CA GLU A 209 -5.81 -4.70 -8.51
C GLU A 209 -6.87 -4.88 -9.59
N ARG A 210 -8.02 -4.21 -9.46
CA ARG A 210 -9.06 -4.30 -10.47
C ARG A 210 -8.64 -3.66 -11.79
N TRP A 211 -7.66 -2.76 -11.77
CA TRP A 211 -7.09 -2.18 -12.98
C TRP A 211 -5.81 -2.86 -13.42
N LEU A 212 -4.94 -3.23 -12.46
CA LEU A 212 -3.60 -3.71 -12.78
C LEU A 212 -3.55 -5.20 -13.05
N ASP A 213 -4.30 -6.01 -12.30
CA ASP A 213 -4.26 -7.45 -12.46
C ASP A 213 -5.07 -7.86 -13.68
N GLU A 214 -4.49 -8.75 -14.50
CA GLU A 214 -5.17 -9.21 -15.71
C GLU A 214 -6.37 -10.07 -15.39
N ASN A 215 -6.31 -10.86 -14.32
CA ASN A 215 -7.45 -11.70 -13.95
C ASN A 215 -8.65 -10.85 -13.55
N PHE A 216 -8.40 -9.72 -12.86
CA PHE A 216 -9.49 -8.82 -12.52
C PHE A 216 -10.10 -8.20 -13.76
N ARG A 217 -9.25 -7.82 -14.73
CA ARG A 217 -9.75 -7.23 -15.96
C ARG A 217 -10.50 -8.24 -16.82
N HIS A 218 -10.32 -9.54 -16.57
CA HIS A 218 -11.15 -10.53 -17.25
C HIS A 218 -12.56 -10.55 -16.68
N VAL A 219 -12.70 -10.31 -15.37
CA VAL A 219 -14.02 -10.20 -14.76
C VAL A 219 -14.76 -9.00 -15.33
N TYR A 220 -14.05 -7.87 -15.47
CA TYR A 220 -14.63 -6.64 -16.00
C TYR A 220 -14.26 -6.41 -17.46
N ARG A 221 -14.14 -7.50 -18.24
CA ARG A 221 -13.71 -7.37 -19.64
C ARG A 221 -14.76 -6.63 -20.47
N HIS A 222 -16.03 -6.75 -20.12
CA HIS A 222 -17.07 -6.05 -20.87
C HIS A 222 -17.05 -4.55 -20.59
N VAL A 223 -16.51 -4.12 -19.46
CA VAL A 223 -16.38 -2.70 -19.16
C VAL A 223 -15.25 -2.08 -19.96
N PHE A 224 -14.08 -2.71 -19.94
CA PHE A 224 -12.91 -2.20 -20.64
C PHE A 224 -13.00 -2.37 -22.15
N SER A 225 -13.94 -3.18 -22.64
CA SER A 225 -14.13 -3.34 -24.08
C SER A 225 -15.09 -2.31 -24.67
N GLY A 226 -15.86 -1.62 -23.82
CA GLY A 226 -16.84 -0.67 -24.27
C GLY A 226 -18.26 -1.19 -24.32
N GLN A 227 -18.44 -2.51 -24.20
CA GLN A 227 -19.77 -3.14 -24.22
C GLN A 227 -20.29 -3.31 -22.79
N TRP A 228 -20.46 -2.18 -22.11
CA TRP A 228 -20.80 -2.20 -20.68
C TRP A 228 -22.17 -2.82 -20.44
N GLN A 229 -23.06 -2.79 -21.45
CA GLN A 229 -24.40 -3.35 -21.28
C GLN A 229 -24.37 -4.85 -21.04
N LYS A 230 -23.28 -5.52 -21.43
CA LYS A 230 -23.17 -6.97 -21.28
C LYS A 230 -22.49 -7.38 -19.98
N TYR A 231 -22.02 -6.43 -19.18
CA TYR A 231 -21.36 -6.76 -17.92
C TYR A 231 -22.38 -7.25 -16.91
N ASP A 232 -22.19 -8.47 -16.42
CA ASP A 232 -23.06 -9.06 -15.41
C ASP A 232 -22.31 -9.15 -14.09
N PRO A 233 -22.74 -8.44 -13.05
CA PRO A 233 -22.09 -8.58 -11.74
C PRO A 233 -22.26 -9.95 -11.11
N PHE A 234 -23.19 -10.76 -11.61
CA PHE A 234 -23.45 -12.09 -11.07
C PHE A 234 -22.89 -13.20 -11.94
N ALA A 235 -21.90 -12.88 -12.78
CA ALA A 235 -21.19 -13.89 -13.55
C ALA A 235 -19.96 -14.33 -12.76
N ALA A 236 -19.88 -15.62 -12.46
CA ALA A 236 -18.83 -16.14 -11.60
C ALA A 236 -17.48 -16.27 -12.31
N GLU A 237 -17.47 -16.33 -13.64
CA GLU A 237 -16.26 -16.61 -14.40
C GLU A 237 -15.13 -15.63 -14.10
N GLY A 238 -14.06 -16.12 -13.47
CA GLY A 238 -12.86 -15.36 -13.24
C GLY A 238 -12.70 -14.80 -11.84
N ARG A 239 -13.78 -14.76 -11.06
CA ARG A 239 -13.75 -14.12 -9.75
C ARG A 239 -12.94 -14.90 -8.71
N PRO A 240 -12.98 -16.23 -8.67
CA PRO A 240 -12.07 -16.96 -7.77
C PRO A 240 -10.61 -16.89 -8.19
N GLU A 241 -10.30 -16.39 -9.37
CA GLU A 241 -8.93 -16.38 -9.89
C GLU A 241 -8.27 -15.02 -9.81
N VAL A 242 -8.89 -14.04 -9.14
CA VAL A 242 -8.31 -12.71 -9.06
C VAL A 242 -7.09 -12.72 -8.14
N ARG A 243 -6.14 -11.84 -8.43
CA ARG A 243 -4.93 -11.69 -7.63
C ARG A 243 -4.97 -10.36 -6.89
N GLU A 244 -4.65 -10.39 -5.60
CA GLU A 244 -4.59 -9.21 -4.77
C GLU A 244 -3.19 -9.06 -4.19
N PHE A 245 -2.88 -7.85 -3.72
CA PHE A 245 -1.62 -7.63 -3.04
C PHE A 245 -1.66 -8.26 -1.65
N PRO A 246 -0.57 -8.88 -1.21
CA PRO A 246 -0.53 -9.43 0.15
C PRO A 246 -0.69 -8.32 1.18
N SER A 247 -1.80 -8.38 1.92
CA SER A 247 -2.13 -7.35 2.89
C SER A 247 -3.11 -7.94 3.90
N PRO A 248 -3.23 -7.33 5.09
CA PRO A 248 -4.22 -7.80 6.06
C PRO A 248 -5.67 -7.66 5.58
N ALA A 249 -5.91 -6.89 4.52
CA ALA A 249 -7.26 -6.71 3.97
C ALA A 249 -7.61 -7.76 2.92
N VAL A 250 -6.92 -8.89 2.91
CA VAL A 250 -7.16 -9.94 1.92
C VAL A 250 -7.95 -11.06 2.59
N CYS A 251 -9.12 -11.37 2.01
CA CYS A 251 -9.92 -12.50 2.43
C CYS A 251 -9.55 -13.71 1.60
N SER A 252 -9.11 -14.78 2.26
CA SER A 252 -8.65 -15.97 1.55
C SER A 252 -9.79 -16.68 0.83
N PHE A 254 -13.48 -16.72 -1.48
CA PHE A 254 -14.32 -15.99 -2.42
C PHE A 254 -15.75 -15.97 -1.86
N ARG A 255 -16.23 -14.79 -1.51
CA ARG A 255 -17.55 -14.62 -0.96
C ARG A 255 -18.45 -13.97 -2.01
N THR A 256 -19.56 -14.64 -2.35
CA THR A 256 -20.50 -14.07 -3.30
C THR A 256 -21.29 -12.92 -2.67
N PHE A 257 -21.65 -13.07 -1.39
CA PHE A 257 -22.37 -12.04 -0.65
C PHE A 257 -21.75 -11.89 0.72
N GLN A 258 -21.42 -10.66 1.10
CA GLN A 258 -21.14 -10.37 2.50
C GLN A 258 -22.47 -10.15 3.23
N GLY A 259 -22.40 -10.18 4.56
CA GLY A 259 -23.60 -9.95 5.34
C GLY A 259 -23.37 -10.29 6.80
N TRP A 260 -24.32 -9.84 7.62
CA TRP A 260 -24.28 -10.12 9.05
C TRP A 260 -25.68 -10.42 9.56
N THR A 261 -25.75 -10.89 10.79
CA THR A 261 -27.00 -11.21 11.47
C THR A 261 -27.20 -10.26 12.64
N ALA A 262 -28.42 -9.73 12.76
CA ALA A 262 -28.71 -8.75 13.80
C ALA A 262 -28.96 -9.45 15.14
N LEU A 263 -28.10 -9.16 16.11
CA LEU A 263 -28.34 -9.59 17.49
C LEU A 263 -29.24 -8.64 18.25
N THR A 264 -29.41 -7.41 17.77
CA THR A 264 -30.25 -6.39 18.37
C THR A 264 -30.99 -5.68 17.25
N PRO A 265 -32.10 -5.00 17.55
CA PRO A 265 -32.80 -4.25 16.50
C PRO A 265 -31.92 -3.19 15.86
N GLN A 266 -32.04 -3.07 14.54
CA GLN A 266 -31.28 -2.10 13.76
C GLN A 266 -32.22 -0.97 13.32
N ARG A 267 -31.74 0.26 13.42
CA ARG A 267 -32.55 1.43 13.13
C ARG A 267 -31.77 2.44 12.31
N THR A 268 -32.49 3.34 11.65
CA THR A 268 -31.87 4.44 10.93
C THR A 268 -31.30 5.44 11.92
N HIS A 269 -30.14 6.01 11.57
CA HIS A 269 -29.40 6.93 12.44
C HIS A 269 -29.03 6.26 13.77
N ALA A 270 -28.76 4.96 13.73
CA ALA A 270 -28.39 4.20 14.92
C ALA A 270 -27.05 3.51 14.74
N GLY A 271 -26.13 4.15 14.03
CA GLY A 271 -24.78 3.62 13.85
C GLY A 271 -24.71 2.25 13.21
N THR A 272 -25.55 1.99 12.21
CA THR A 272 -25.58 0.69 11.54
C THR A 272 -25.22 0.86 10.06
N LEU A 273 -25.49 -0.20 9.29
CA LEU A 273 -24.97 -0.30 7.93
C LEU A 273 -25.70 0.64 6.97
N ASN A 274 -24.92 1.25 6.08
CA ASN A 274 -25.44 1.93 4.90
C ASN A 274 -24.93 1.22 3.65
N VAL A 275 -25.70 1.31 2.57
CA VAL A 275 -25.35 0.65 1.32
C VAL A 275 -25.74 1.54 0.15
N ILE A 276 -25.00 1.42 -0.94
CA ILE A 276 -25.40 1.99 -2.23
C ILE A 276 -25.95 0.85 -3.08
N PRO A 277 -27.28 0.68 -3.15
CA PRO A 277 -27.87 -0.48 -3.82
C PRO A 277 -27.81 -0.39 -5.34
N ILE A 278 -26.60 -0.39 -5.89
CA ILE A 278 -26.37 -0.37 -7.32
C ILE A 278 -25.38 -1.50 -7.62
N ALA A 279 -25.86 -2.54 -8.31
CA ALA A 279 -25.03 -3.72 -8.51
C ALA A 279 -23.86 -3.44 -9.45
N ASN A 280 -24.12 -2.76 -10.57
CA ASN A 280 -23.10 -2.47 -11.55
C ASN A 280 -22.38 -1.15 -11.29
N ALA A 281 -22.34 -0.70 -10.05
CA ALA A 281 -21.64 0.55 -9.74
C ALA A 281 -20.15 0.46 -10.00
N ALA A 283 -18.74 -0.63 -12.60
CA ALA A 283 -18.50 -0.17 -13.96
C ALA A 283 -18.30 1.34 -14.00
N TYR A 284 -19.05 2.07 -13.17
CA TYR A 284 -18.87 3.52 -13.10
C TYR A 284 -17.53 3.88 -12.47
N ILE A 285 -17.11 3.13 -11.46
CA ILE A 285 -15.84 3.43 -10.78
C ILE A 285 -14.66 3.12 -11.69
N LEU A 286 -14.72 2.00 -12.42
CA LEU A 286 -13.59 1.62 -13.27
C LEU A 286 -13.37 2.61 -14.40
N LEU A 287 -14.45 3.04 -15.06
CA LEU A 287 -14.32 4.02 -16.14
C LEU A 287 -14.09 5.43 -15.64
N ARG A 288 -14.42 5.71 -14.37
CA ARG A 288 -14.19 7.04 -13.83
C ARG A 288 -12.71 7.36 -13.74
N ALA A 289 -11.90 6.39 -13.29
CA ALA A 289 -10.47 6.62 -13.13
C ALA A 289 -9.72 6.73 -14.45
N LEU A 290 -10.37 6.43 -15.57
N LEU A 290 -10.37 6.43 -15.58
CA LEU A 290 -9.74 6.51 -16.88
CA LEU A 290 -9.76 6.49 -16.89
C LEU A 290 -10.03 7.81 -17.60
C LEU A 290 -9.97 7.84 -17.57
N GLN A 291 -10.70 8.76 -16.95
CA GLN A 291 -11.03 10.03 -17.57
C GLN A 291 -9.82 10.96 -17.58
N ASP A 292 -10.01 12.16 -18.14
CA ASP A 292 -8.92 13.09 -18.36
C ASP A 292 -8.70 14.07 -17.21
N ASP A 293 -9.71 14.30 -16.38
CA ASP A 293 -9.52 15.12 -15.18
C ASP A 293 -8.85 14.35 -14.05
N VAL A 294 -8.46 13.10 -14.28
CA VAL A 294 -7.74 12.29 -13.30
C VAL A 294 -6.29 12.20 -13.74
N ALA A 295 -5.36 12.41 -12.81
CA ALA A 295 -3.95 12.33 -13.12
C ALA A 295 -3.60 10.94 -13.63
N ASP A 296 -2.52 10.86 -14.42
CA ASP A 296 -2.15 9.62 -15.07
C ASP A 296 -1.65 8.56 -14.08
N ASP A 297 -1.20 8.98 -12.90
CA ASP A 297 -0.69 8.06 -11.89
C ASP A 297 -1.69 7.76 -10.80
N ASP A 298 -2.94 8.20 -10.94
CA ASP A 298 -3.94 8.05 -9.89
C ASP A 298 -5.14 7.28 -10.42
N LEU A 299 -5.72 6.46 -9.56
CA LEU A 299 -6.98 5.77 -9.86
C LEU A 299 -8.06 6.25 -8.92
N CYS A 300 -8.17 7.58 -8.79
CA CYS A 300 -9.17 8.22 -7.93
C CYS A 300 -8.98 7.83 -6.47
N GLY A 301 -7.75 8.00 -5.97
CA GLY A 301 -7.45 7.80 -4.58
C GLY A 301 -7.36 6.38 -4.11
N ALA A 302 -7.49 5.40 -5.00
CA ALA A 302 -7.37 4.00 -4.61
C ALA A 302 -5.94 3.69 -4.20
N ALA A 303 -5.80 2.95 -3.10
CA ALA A 303 -4.50 2.67 -2.52
C ALA A 303 -4.31 1.17 -2.29
N PRO A 304 -3.09 0.67 -2.42
CA PRO A 304 -2.84 -0.75 -2.18
C PRO A 304 -2.99 -1.09 -0.70
N GLY A 305 -3.58 -2.24 -0.43
CA GLY A 305 -3.83 -2.68 0.93
C GLY A 305 -5.04 -2.04 1.58
N ARG A 306 -5.75 -1.17 0.88
CA ARG A 306 -6.95 -0.52 1.39
C ARG A 306 -8.16 -0.95 0.57
N ALA A 307 -9.32 -0.93 1.21
CA ALA A 307 -10.57 -1.16 0.48
C ALA A 307 -10.80 -0.05 -0.53
N LEU A 308 -11.35 -0.40 -1.68
CA LEU A 308 -11.61 0.57 -2.73
C LEU A 308 -12.59 1.63 -2.26
N SER A 309 -12.12 2.86 -2.09
CA SER A 309 -12.92 3.93 -1.53
C SER A 309 -13.76 4.61 -2.61
N ALA A 310 -14.99 4.99 -2.24
CA ALA A 310 -15.87 5.79 -3.08
C ALA A 310 -16.15 7.09 -2.34
N SER A 311 -15.78 8.21 -2.95
CA SER A 311 -15.75 9.49 -2.25
C SER A 311 -16.65 10.51 -2.93
N GLU A 312 -16.80 11.65 -2.25
CA GLU A 312 -17.50 12.79 -2.82
C GLU A 312 -16.65 13.54 -3.83
N GLN A 313 -15.34 13.31 -3.83
CA GLN A 313 -14.44 14.05 -4.71
C GLN A 313 -14.50 13.51 -6.14
N TRP A 314 -14.47 12.18 -6.28
CA TRP A 314 -14.42 11.55 -7.60
C TRP A 314 -15.73 10.92 -8.04
N HIS A 315 -16.60 10.55 -7.10
CA HIS A 315 -17.87 9.90 -7.42
C HIS A 315 -19.00 10.62 -6.69
N PRO A 316 -19.31 11.86 -7.07
CA PRO A 316 -20.41 12.57 -6.41
C PRO A 316 -21.78 12.00 -6.74
N LEU A 317 -21.92 11.32 -7.89
CA LEU A 317 -23.20 10.76 -8.26
C LEU A 317 -23.56 9.55 -7.39
N LEU A 318 -22.57 8.72 -7.07
CA LEU A 318 -22.84 7.53 -6.26
C LEU A 318 -23.15 7.88 -4.82
N GLU A 320 -24.90 10.19 -3.75
CA GLU A 320 -26.30 10.57 -3.65
C GLU A 320 -27.20 9.38 -3.37
N ALA A 321 -26.74 8.16 -3.63
CA ALA A 321 -27.56 6.96 -3.49
C ALA A 321 -27.26 6.18 -2.21
N ILE A 322 -26.54 6.77 -1.27
CA ILE A 322 -26.27 6.09 0.00
C ILE A 322 -27.59 5.89 0.74
N SER A 323 -27.97 4.63 0.92
CA SER A 323 -29.25 4.28 1.51
C SER A 323 -29.06 3.50 2.79
N PRO A 324 -29.78 3.83 3.86
CA PRO A 324 -29.79 2.95 5.03
C PRO A 324 -30.54 1.66 4.74
N ILE A 325 -30.24 0.64 5.53
CA ILE A 325 -30.90 -0.65 5.40
C ILE A 325 -32.25 -0.57 6.10
N PRO A 326 -33.23 -1.40 5.73
CA PRO A 326 -34.51 -1.37 6.43
C PRO A 326 -34.35 -1.72 7.90
N ASP A 327 -35.35 -1.33 8.69
CA ASP A 327 -35.35 -1.66 10.10
C ASP A 327 -35.38 -3.17 10.29
N LEU A 328 -34.52 -3.67 11.17
CA LEU A 328 -34.41 -5.10 11.43
C LEU A 328 -34.63 -5.37 12.90
N GLU A 329 -34.98 -6.61 13.21
CA GLU A 329 -35.10 -7.09 14.57
C GLU A 329 -34.02 -8.14 14.84
N ALA A 330 -33.87 -8.49 16.11
CA ALA A 330 -32.94 -9.54 16.49
C ALA A 330 -33.34 -10.85 15.82
N GLY A 331 -32.54 -11.31 14.87
CA GLY A 331 -32.83 -12.51 14.12
C GLY A 331 -32.91 -12.31 12.62
N ASP A 332 -33.04 -11.06 12.16
CA ASP A 332 -33.04 -10.76 10.73
C ASP A 332 -31.62 -10.54 10.25
N THR A 333 -31.39 -10.86 8.98
CA THR A 333 -30.09 -10.71 8.35
C THR A 333 -30.18 -9.77 7.17
N VAL A 334 -29.01 -9.38 6.66
CA VAL A 334 -28.92 -8.55 5.46
C VAL A 334 -27.62 -8.91 4.73
N PHE A 335 -27.72 -9.07 3.42
CA PHE A 335 -26.58 -9.44 2.60
C PHE A 335 -26.40 -8.42 1.48
N TRP A 336 -25.17 -8.31 0.99
CA TRP A 336 -24.88 -7.42 -0.13
C TRP A 336 -23.80 -8.03 -1.00
N HIS A 337 -23.91 -7.79 -2.30
CA HIS A 337 -22.95 -8.31 -3.27
C HIS A 337 -21.54 -7.85 -2.95
N CYS A 338 -20.55 -8.65 -3.37
CA CYS A 338 -19.16 -8.37 -3.02
C CYS A 338 -18.64 -7.09 -3.66
N ASP A 339 -19.30 -6.60 -4.71
CA ASP A 339 -18.91 -5.36 -5.36
C ASP A 339 -19.78 -4.18 -4.95
N VAL A 340 -20.64 -4.35 -3.94
CA VAL A 340 -21.58 -3.31 -3.53
C VAL A 340 -20.89 -2.38 -2.54
N ILE A 341 -21.03 -1.07 -2.77
CA ILE A 341 -20.49 -0.08 -1.86
C ILE A 341 -21.31 -0.08 -0.57
N HIS A 342 -20.62 -0.09 0.56
CA HIS A 342 -21.27 -0.12 1.87
C HIS A 342 -20.48 0.71 2.86
N SER A 343 -21.12 1.04 3.97
CA SER A 343 -20.51 1.85 5.02
C SER A 343 -21.33 1.70 6.29
N VAL A 344 -20.81 2.29 7.36
CA VAL A 344 -21.46 2.28 8.67
C VAL A 344 -21.67 3.72 9.10
N GLU A 345 -22.86 4.02 9.63
CA GLU A 345 -23.15 5.34 10.15
C GLU A 345 -22.13 5.71 11.23
N ASN A 346 -21.63 6.95 11.15
CA ASN A 346 -20.59 7.38 12.09
C ASN A 346 -21.14 7.56 13.51
N GLU A 347 -22.37 8.02 13.64
CA GLU A 347 -22.95 8.30 14.95
C GLU A 347 -24.10 7.35 15.24
N HIS A 348 -24.28 7.02 16.52
CA HIS A 348 -25.34 6.14 16.99
C HIS A 348 -26.25 6.97 17.90
N ASN A 349 -27.21 7.67 17.29
CA ASN A 349 -28.17 8.48 18.02
C ASN A 349 -29.42 7.69 18.40
N GLY A 350 -29.41 6.37 18.22
CA GLY A 350 -30.56 5.55 18.56
C GLY A 350 -30.57 5.14 20.02
N GLU A 351 -31.61 4.38 20.37
CA GLU A 351 -31.80 3.93 21.75
C GLU A 351 -31.11 2.58 21.99
N PHE A 352 -31.46 1.57 21.20
CA PHE A 352 -30.90 0.24 21.35
C PHE A 352 -29.52 0.16 20.71
N ASP A 353 -28.67 -0.68 21.28
CA ASP A 353 -27.35 -0.91 20.70
C ASP A 353 -27.48 -1.67 19.39
N SER A 354 -26.41 -1.63 18.59
CA SER A 354 -26.36 -2.29 17.29
C SER A 354 -25.31 -3.39 17.36
N ASN A 355 -25.74 -4.61 17.66
CA ASN A 355 -24.86 -5.77 17.75
C ASN A 355 -25.16 -6.72 16.61
N VAL A 356 -24.12 -7.13 15.88
CA VAL A 356 -24.27 -8.02 14.73
C VAL A 356 -23.18 -9.09 14.76
N TYR A 358 -20.91 -11.18 11.94
CA TYR A 358 -20.52 -11.24 10.53
C TYR A 358 -20.57 -12.69 10.04
N ILE A 359 -21.57 -12.99 9.21
CA ILE A 359 -21.74 -14.32 8.62
C ILE A 359 -22.06 -14.12 7.15
N ALA A 360 -21.09 -14.39 6.28
CA ALA A 360 -21.25 -14.18 4.86
C ALA A 360 -21.76 -15.46 4.19
N ALA A 361 -21.84 -15.44 2.85
CA ALA A 361 -22.27 -16.59 2.07
C ALA A 361 -21.11 -16.99 1.15
N ALA A 362 -20.49 -18.13 1.46
CA ALA A 362 -19.34 -18.63 0.72
C ALA A 362 -19.67 -19.98 0.10
N PRO A 363 -19.69 -20.10 -1.22
CA PRO A 363 -19.92 -21.41 -1.85
C PRO A 363 -18.63 -22.22 -1.92
N TRP A 364 -18.79 -23.49 -2.31
CA TRP A 364 -17.64 -24.38 -2.41
C TRP A 364 -16.92 -24.15 -3.73
N CYS A 365 -15.59 -24.08 -3.67
CA CYS A 365 -14.75 -24.03 -4.85
C CYS A 365 -13.34 -24.43 -4.43
N GLU A 366 -12.51 -24.72 -5.43
CA GLU A 366 -11.14 -25.16 -5.15
C GLU A 366 -10.37 -24.13 -4.34
N LYS A 367 -10.69 -22.84 -4.52
CA LYS A 367 -10.03 -21.81 -3.74
C LYS A 367 -10.50 -21.83 -2.29
N ASN A 368 -11.81 -21.94 -2.06
CA ASN A 368 -12.33 -21.92 -0.70
C ASN A 368 -11.99 -23.21 0.05
N ALA A 369 -11.82 -24.32 -0.65
CA ALA A 369 -11.52 -25.58 0.01
C ALA A 369 -10.13 -25.59 0.62
N ALA A 370 -9.19 -24.84 0.04
CA ALA A 370 -7.83 -24.78 0.57
C ALA A 370 -7.75 -24.07 1.91
N TYR A 371 -8.71 -23.20 2.22
CA TYR A 371 -8.68 -22.44 3.47
C TYR A 371 -9.26 -23.23 4.63
N LEU A 372 -10.02 -24.29 4.37
CA LEU A 372 -10.67 -25.03 5.45
C LEU A 372 -9.69 -25.68 6.43
N PRO A 373 -8.64 -26.39 5.98
CA PRO A 373 -7.76 -27.04 6.97
C PRO A 373 -7.11 -26.09 7.95
N ARG A 374 -6.60 -24.95 7.48
CA ARG A 374 -6.01 -23.97 8.40
C ARG A 374 -7.08 -23.31 9.26
N GLN A 375 -8.31 -23.19 8.75
CA GLN A 375 -9.39 -22.62 9.55
C GLN A 375 -9.83 -23.58 10.64
N LEU A 376 -9.93 -24.88 10.32
CA LEU A 376 -10.33 -25.86 11.32
C LEU A 376 -9.25 -26.03 12.39
N ALA A 377 -7.98 -25.91 12.01
CA ALA A 377 -6.90 -26.02 12.99
C ALA A 377 -7.00 -24.90 14.03
N SER A 378 -7.40 -23.70 13.61
CA SER A 378 -7.58 -22.61 14.56
C SER A 378 -8.81 -22.81 15.42
N PHE A 379 -9.83 -23.53 14.91
CA PHE A 379 -11.02 -23.79 15.71
C PHE A 379 -10.72 -24.80 16.82
N ILE A 380 -10.03 -25.89 16.50
CA ILE A 380 -9.71 -26.90 17.50
C ILE A 380 -8.85 -26.32 18.60
N ASP A 381 -7.96 -25.39 18.27
CA ASP A 381 -7.12 -24.72 19.24
C ASP A 381 -7.79 -23.53 19.92
N GLY A 382 -8.81 -22.96 19.28
CA GLY A 382 -9.43 -21.75 19.79
C GLY A 382 -8.72 -20.48 19.41
N ARG A 383 -7.75 -20.54 18.50
CA ARG A 383 -7.00 -19.39 18.06
C ARG A 383 -7.78 -18.60 17.02
N SER A 384 -7.18 -17.52 16.52
CA SER A 384 -7.79 -16.73 15.48
C SER A 384 -7.59 -17.38 14.12
N PRO A 385 -8.53 -17.21 13.20
CA PRO A 385 -8.35 -17.72 11.83
C PRO A 385 -7.14 -17.08 11.18
N PRO A 386 -6.59 -17.71 10.13
CA PRO A 386 -5.36 -17.17 9.53
C PRO A 386 -5.52 -15.79 8.91
N ASP A 387 -6.72 -15.43 8.46
CA ASP A 387 -6.93 -14.14 7.81
C ASP A 387 -6.98 -12.97 8.78
N PHE A 388 -6.82 -13.20 10.07
CA PHE A 388 -6.97 -12.16 11.08
C PHE A 388 -5.71 -12.09 11.94
N ALA A 389 -5.64 -11.04 12.75
CA ALA A 389 -4.51 -10.86 13.65
C ALA A 389 -4.49 -11.95 14.70
N ALA A 390 -3.31 -12.55 14.90
CA ALA A 390 -3.15 -13.65 15.83
C ALA A 390 -3.31 -13.19 17.27
N ASP A 391 -4.55 -12.87 17.67
CA ASP A 391 -4.80 -12.48 19.05
C ASP A 391 -4.84 -13.69 19.97
N ASP A 392 -5.45 -14.79 19.52
CA ASP A 392 -5.55 -16.02 20.29
C ASP A 392 -6.16 -15.77 21.66
N PHE A 393 -7.20 -14.93 21.69
CA PHE A 393 -7.86 -14.61 22.95
C PHE A 393 -8.56 -15.83 23.53
N GLU A 394 -9.34 -16.52 22.71
CA GLU A 394 -10.20 -17.61 23.15
C GLU A 394 -9.46 -18.92 23.39
N VAL A 395 -8.15 -18.90 23.61
CA VAL A 395 -7.42 -20.14 23.88
C VAL A 395 -7.86 -20.75 25.19
N ASP A 396 -7.95 -19.94 26.25
CA ASP A 396 -8.35 -20.43 27.55
C ASP A 396 -9.64 -19.74 28.01
N PHE A 397 -10.66 -19.76 27.17
CA PHE A 397 -11.91 -19.05 27.44
C PHE A 397 -12.95 -20.01 27.99
N ILE A 398 -13.62 -19.58 29.07
CA ILE A 398 -14.70 -20.36 29.66
C ILE A 398 -15.93 -20.24 28.77
N GLY A 399 -16.44 -21.37 28.30
CA GLY A 399 -17.63 -21.39 27.47
C GLY A 399 -17.38 -21.35 25.98
N ARG A 400 -16.14 -21.52 25.54
CA ARG A 400 -15.85 -21.53 24.11
C ARG A 400 -16.49 -22.74 23.44
N ALA A 401 -17.14 -22.51 22.31
CA ALA A 401 -17.72 -23.61 21.56
C ALA A 401 -16.63 -24.48 20.95
N THR A 402 -16.81 -25.79 21.04
CA THR A 402 -15.85 -26.76 20.54
C THR A 402 -16.51 -27.59 19.44
N ILE A 403 -15.85 -28.70 19.08
CA ILE A 403 -16.41 -29.61 18.09
C ILE A 403 -17.63 -30.32 18.64
N LYS A 404 -17.71 -30.47 19.98
CA LYS A 404 -18.89 -31.08 20.58
C LYS A 404 -20.16 -30.30 20.28
N ASN A 405 -20.04 -28.98 20.06
CA ASN A 405 -21.18 -28.14 19.73
C ASN A 405 -21.59 -28.25 18.26
N LEU A 406 -20.83 -28.94 17.43
CA LEU A 406 -21.09 -28.98 16.01
C LEU A 406 -22.15 -30.04 15.68
N THR A 407 -23.02 -29.70 14.74
CA THR A 407 -23.96 -30.66 14.18
C THR A 407 -23.36 -31.25 12.91
N GLU A 408 -24.15 -32.08 12.21
CA GLU A 408 -23.67 -32.67 10.96
C GLU A 408 -23.48 -31.61 9.88
N ILE A 409 -24.36 -30.61 9.85
CA ILE A 409 -24.19 -29.51 8.91
C ILE A 409 -22.99 -28.66 9.30
N GLY A 410 -22.75 -28.50 10.61
CA GLY A 410 -21.62 -27.73 11.08
C GLY A 410 -20.27 -28.33 10.76
N LYS A 411 -20.23 -29.65 10.52
CA LYS A 411 -19.00 -30.36 10.17
C LYS A 411 -18.79 -30.49 8.67
N GLN A 412 -19.86 -30.63 7.89
CA GLN A 412 -19.70 -30.69 6.44
C GLN A 412 -19.23 -29.36 5.88
N GLN A 413 -19.59 -28.25 6.52
CA GLN A 413 -19.24 -26.93 6.04
C GLN A 413 -17.86 -26.47 6.49
N LEU A 414 -17.26 -27.15 7.47
CA LEU A 414 -15.91 -26.85 7.91
C LEU A 414 -14.87 -27.78 7.31
N GLY A 415 -15.28 -28.71 6.45
CA GLY A 415 -14.37 -29.66 5.87
C GLY A 415 -14.18 -30.94 6.67
N ILE A 416 -14.87 -31.08 7.79
CA ILE A 416 -14.73 -32.28 8.61
C ILE A 416 -15.42 -33.44 7.91
N THR A 417 -14.68 -34.53 7.68
CA THR A 417 -15.21 -35.70 7.00
C THR A 417 -15.83 -36.63 8.05
N ASP A 418 -17.15 -36.76 8.01
CA ASP A 418 -17.87 -37.62 8.95
C ASP A 418 -19.19 -38.09 8.34
N LEU B 7 9.00 -0.85 14.70
CA LEU B 7 7.66 -0.33 14.50
C LEU B 7 6.74 -1.41 13.98
N HIS B 8 5.75 -1.80 14.79
CA HIS B 8 4.84 -2.89 14.47
C HIS B 8 3.43 -2.47 14.85
N ILE B 9 2.57 -2.27 13.85
CA ILE B 9 1.19 -1.87 14.06
C ILE B 9 0.28 -2.89 13.41
N ASP B 10 -0.78 -3.29 14.12
CA ASP B 10 -1.70 -4.29 13.60
C ASP B 10 -2.62 -3.72 12.52
N ASP B 11 -3.10 -2.50 12.72
CA ASP B 11 -4.03 -1.86 11.78
C ASP B 11 -3.52 -0.45 11.51
N ILE B 12 -2.91 -0.25 10.34
CA ILE B 12 -2.39 1.07 9.97
C ILE B 12 -3.50 2.10 9.81
N PRO B 13 -4.61 1.81 9.12
CA PRO B 13 -5.66 2.85 8.98
C PRO B 13 -6.14 3.44 10.30
N ALA B 14 -6.41 2.60 11.31
CA ALA B 14 -6.82 3.14 12.60
C ALA B 14 -5.69 3.91 13.26
N ALA B 15 -4.44 3.50 13.02
CA ALA B 15 -3.31 4.21 13.59
C ALA B 15 -3.11 5.58 12.92
N ILE B 16 -3.30 5.64 11.60
CA ILE B 16 -3.14 6.91 10.90
C ILE B 16 -4.22 7.89 11.32
N LYS B 17 -5.46 7.42 11.47
CA LYS B 17 -6.55 8.30 11.87
C LYS B 17 -6.31 8.91 13.25
N ALA B 18 -5.58 8.20 14.12
CA ALA B 18 -5.31 8.70 15.46
C ALA B 18 -4.20 9.76 15.44
N VAL B 19 -3.08 9.45 14.79
CA VAL B 19 -1.95 10.38 14.75
C VAL B 19 -2.34 11.67 14.04
N LYS B 20 -3.19 11.58 13.02
CA LYS B 20 -3.62 12.76 12.29
C LYS B 20 -4.26 13.79 13.23
N GLN B 21 -5.28 13.36 13.98
CA GLN B 21 -5.94 14.28 14.91
C GLN B 21 -4.95 14.83 15.93
N GLN B 22 -4.01 14.01 16.40
CA GLN B 22 -3.02 14.47 17.34
C GLN B 22 -2.14 15.56 16.74
N LEU B 23 -1.81 15.43 15.44
CA LEU B 23 -0.98 16.43 14.79
C LEU B 23 -1.79 17.68 14.43
N ARG B 24 -3.05 17.51 14.03
CA ARG B 24 -3.87 18.66 13.66
C ARG B 24 -4.24 19.51 14.87
N GLN B 25 -4.42 18.88 16.03
CA GLN B 25 -4.72 19.63 17.24
C GLN B 25 -3.48 20.33 17.79
N ALA B 26 -2.32 19.70 17.69
CA ALA B 26 -1.09 20.34 18.15
C ALA B 26 -0.70 21.50 17.24
N LEU B 27 -1.11 21.47 15.98
CA LEU B 27 -0.90 22.54 15.02
C LEU B 27 -2.26 22.99 14.53
N PRO B 28 -2.97 23.82 15.30
CA PRO B 28 -4.35 24.17 14.93
C PRO B 28 -4.45 24.96 13.63
N ASP B 29 -3.42 25.71 13.27
CA ASP B 29 -3.40 26.45 12.01
C ASP B 29 -2.58 25.71 10.97
N TYR B 30 -2.84 24.40 10.82
CA TYR B 30 -2.11 23.58 9.87
C TYR B 30 -2.29 24.08 8.44
N GLN B 31 -3.44 24.66 8.13
CA GLN B 31 -3.71 25.11 6.76
C GLN B 31 -2.86 26.33 6.42
N GLN B 32 -2.80 27.31 7.32
CA GLN B 32 -2.04 28.52 7.05
C GLN B 32 -0.54 28.25 7.04
N VAL B 33 -0.06 27.29 7.83
CA VAL B 33 1.35 26.93 7.80
C VAL B 33 1.71 26.26 6.50
N PHE B 34 0.82 25.38 6.00
CA PHE B 34 1.08 24.71 4.72
C PHE B 34 1.11 25.71 3.57
N GLN B 35 0.25 26.73 3.62
CA GLN B 35 0.26 27.76 2.58
C GLN B 35 1.54 28.58 2.61
N ALA B 36 2.13 28.75 3.80
CA ALA B 36 3.42 29.43 3.88
C ALA B 36 4.53 28.56 3.31
N VAL B 37 4.47 27.24 3.57
CA VAL B 37 5.45 26.32 3.00
C VAL B 37 5.29 26.24 1.48
N GLU B 38 4.04 26.28 1.01
CA GLU B 38 3.79 26.13 -0.42
C GLU B 38 4.39 27.28 -1.23
N GLU B 39 4.29 28.51 -0.71
CA GLU B 39 4.92 29.64 -1.39
C GLU B 39 6.43 29.50 -1.40
N ASN B 40 7.02 29.00 -0.31
CA ASN B 40 8.46 28.77 -0.28
C ASN B 40 8.86 27.70 -1.28
N ILE B 41 8.03 26.67 -1.45
CA ILE B 41 8.30 25.64 -2.44
C ILE B 41 8.08 26.18 -3.84
N ARG B 42 7.08 27.05 -4.01
N ARG B 42 7.08 27.05 -4.01
CA ARG B 42 6.74 27.56 -5.34
CA ARG B 42 6.75 27.54 -5.34
C ARG B 42 7.87 28.42 -5.90
C ARG B 42 7.86 28.43 -5.90
N GLN B 43 8.48 29.26 -5.07
CA GLN B 43 9.56 30.12 -5.54
C GLN B 43 10.79 29.31 -5.92
N GLN B 44 11.04 28.19 -5.22
CA GLN B 44 12.12 27.30 -5.63
C GLN B 44 11.76 26.56 -6.91
N VAL B 45 10.49 26.17 -7.06
CA VAL B 45 10.05 25.49 -8.27
C VAL B 45 10.18 26.41 -9.48
N GLU B 47 12.13 28.93 -9.75
CA GLU B 47 13.56 29.16 -10.00
C GLU B 47 14.19 28.00 -10.75
N ILE B 48 13.71 26.77 -10.51
CA ILE B 48 14.22 25.62 -11.24
C ILE B 48 13.73 25.65 -12.69
N ARG B 49 12.44 25.98 -12.89
CA ARG B 49 11.89 26.04 -14.24
C ARG B 49 12.53 27.16 -15.06
N ARG B 50 12.97 28.23 -14.42
CA ARG B 50 13.67 29.29 -15.13
C ARG B 50 15.03 28.81 -15.62
N ASN B 51 15.72 28.00 -14.83
CA ASN B 51 17.01 27.48 -15.25
C ASN B 51 16.87 26.54 -16.45
N LEU B 52 15.86 25.67 -16.42
CA LEU B 52 15.66 24.74 -17.53
C LEU B 52 15.25 25.44 -18.81
N ALA B 53 14.47 26.54 -18.69
CA ALA B 53 14.07 27.27 -19.89
C ALA B 53 15.25 28.01 -20.52
N GLU B 54 16.26 28.35 -19.72
CA GLU B 54 17.47 28.96 -20.23
C GLU B 54 18.51 27.95 -20.71
N GLY B 55 18.41 26.70 -20.28
CA GLY B 55 19.39 25.67 -20.58
C GLY B 55 20.30 25.34 -19.42
N LYS B 56 20.49 26.27 -18.48
CA LYS B 56 21.31 26.00 -17.31
C LYS B 56 20.68 24.90 -16.46
N ASN B 57 21.45 23.85 -16.19
CA ASN B 57 20.93 22.74 -15.39
C ASN B 57 20.88 23.16 -13.92
N PRO B 58 19.75 22.96 -13.23
CA PRO B 58 19.66 23.41 -11.84
C PRO B 58 20.40 22.54 -10.83
N VAL B 59 20.93 21.41 -11.25
CA VAL B 59 21.72 20.55 -10.36
C VAL B 59 23.14 21.09 -10.30
N PRO B 60 23.65 21.43 -9.11
CA PRO B 60 24.99 22.02 -9.03
C PRO B 60 26.06 21.06 -9.56
N GLN B 61 27.13 21.64 -10.10
CA GLN B 61 28.22 20.89 -10.69
C GLN B 61 29.54 21.31 -10.04
N LEU B 62 30.29 20.34 -9.55
CA LEU B 62 31.64 20.55 -9.06
C LEU B 62 32.58 19.58 -9.75
N HIS B 63 33.84 19.96 -9.87
CA HIS B 63 34.87 19.07 -10.37
C HIS B 63 35.62 18.47 -9.19
N ALA B 64 35.98 17.18 -9.32
CA ALA B 64 36.62 16.48 -8.22
C ALA B 64 37.96 17.11 -7.84
N ASP B 65 38.66 17.71 -8.80
CA ASP B 65 39.94 18.34 -8.50
C ASP B 65 39.77 19.51 -7.54
N ASP B 66 38.64 20.21 -7.61
CA ASP B 66 38.41 21.35 -6.73
C ASP B 66 38.00 20.92 -5.32
N ILE B 67 37.42 19.73 -5.16
CA ILE B 67 37.07 19.24 -3.83
C ILE B 67 38.34 18.85 -3.07
N ILE B 68 39.26 18.16 -3.75
CA ILE B 68 40.47 17.68 -3.08
C ILE B 68 41.34 18.84 -2.63
N ASN B 69 41.49 19.86 -3.47
CA ASN B 69 42.34 20.99 -3.17
C ASN B 69 41.67 22.03 -2.28
N GLY B 70 40.45 21.79 -1.81
CA GLY B 70 39.76 22.76 -0.99
C GLY B 70 39.37 24.02 -1.71
N LYS B 71 39.14 23.94 -3.02
CA LYS B 71 38.82 25.10 -3.85
C LYS B 71 37.31 25.30 -4.01
N VAL B 72 36.50 24.72 -3.12
CA VAL B 72 35.06 24.86 -3.17
C VAL B 72 34.66 26.08 -2.36
N THR B 73 33.99 27.04 -3.00
CA THR B 73 33.58 28.26 -2.31
C THR B 73 32.40 27.98 -1.38
N GLU B 74 32.18 28.91 -0.45
CA GLU B 74 31.06 28.79 0.47
C GLU B 74 29.72 29.03 -0.23
N GLU B 75 29.73 29.73 -1.36
CA GLU B 75 28.50 29.91 -2.13
C GLU B 75 28.06 28.61 -2.78
N GLN B 76 29.01 27.85 -3.34
CA GLN B 76 28.67 26.57 -3.96
C GLN B 76 28.14 25.59 -2.93
N LYS B 77 28.65 25.63 -1.71
CA LYS B 77 28.14 24.77 -0.65
C LYS B 77 26.71 25.15 -0.26
N ALA B 78 26.35 26.43 -0.43
CA ALA B 78 24.99 26.85 -0.13
C ALA B 78 23.99 26.36 -1.16
N GLN B 79 24.41 26.25 -2.43
CA GLN B 79 23.51 25.73 -3.46
C GLN B 79 23.22 24.26 -3.26
N ILE B 80 24.25 23.47 -2.92
CA ILE B 80 24.06 22.04 -2.73
C ILE B 80 23.11 21.79 -1.56
N LYS B 81 23.27 22.54 -0.47
CA LYS B 81 22.39 22.37 0.68
C LYS B 81 20.98 22.88 0.41
N GLN B 82 20.79 23.72 -0.61
CA GLN B 82 19.47 24.16 -1.02
C GLN B 82 18.82 23.18 -2.00
N ARG B 83 19.56 22.77 -3.03
CA ARG B 83 19.04 21.84 -4.01
C ARG B 83 19.09 20.39 -3.52
N GLY B 84 19.90 20.09 -2.51
CA GLY B 84 19.95 18.75 -1.98
C GLY B 84 20.62 17.73 -2.85
N CYS B 85 21.42 18.17 -3.82
CA CYS B 85 22.08 17.24 -4.74
C CYS B 85 23.24 17.96 -5.42
N CYS B 86 24.09 17.16 -6.06
CA CYS B 86 25.26 17.70 -6.75
C CYS B 86 25.84 16.62 -7.67
N ALA B 87 26.32 17.06 -8.83
CA ALA B 87 27.04 16.20 -9.76
C ALA B 87 28.51 16.56 -9.70
N ILE B 88 29.36 15.58 -9.41
CA ILE B 88 30.79 15.80 -9.22
C ILE B 88 31.52 15.13 -10.35
N LEU B 89 32.16 15.93 -11.21
CA LEU B 89 32.80 15.44 -12.42
C LEU B 89 34.24 15.05 -12.14
N GLY B 90 34.73 14.08 -12.93
CA GLY B 90 36.13 13.70 -12.88
C GLY B 90 36.56 13.01 -11.61
N VAL B 91 35.65 12.28 -10.95
CA VAL B 91 36.05 11.50 -9.78
C VAL B 91 37.02 10.40 -10.19
N PHE B 92 36.70 9.68 -11.26
CA PHE B 92 37.58 8.69 -11.83
C PHE B 92 38.02 9.14 -13.21
N PRO B 93 39.30 9.03 -13.56
CA PRO B 93 39.71 9.30 -14.94
C PRO B 93 38.88 8.47 -15.93
N GLN B 94 38.50 9.12 -17.03
CA GLN B 94 37.61 8.50 -18.00
C GLN B 94 38.17 7.20 -18.55
N GLU B 95 39.50 7.10 -18.64
CA GLU B 95 40.12 5.86 -19.13
C GLU B 95 39.88 4.71 -18.18
N LYS B 96 39.83 4.97 -16.88
CA LYS B 96 39.62 3.92 -15.88
C LYS B 96 38.17 3.47 -15.84
N ALA B 97 37.22 4.41 -15.89
CA ALA B 97 35.81 4.05 -15.81
C ALA B 97 35.32 3.38 -17.08
N THR B 98 35.90 3.74 -18.24
CA THR B 98 35.50 3.11 -19.49
C THR B 98 35.94 1.66 -19.55
N ALA B 99 37.14 1.36 -19.03
CA ALA B 99 37.58 -0.02 -18.94
C ALA B 99 36.78 -0.79 -17.90
N TRP B 100 36.22 -0.09 -16.91
CA TRP B 100 35.38 -0.75 -15.91
C TRP B 100 34.09 -1.26 -16.53
N ASN B 101 33.53 -0.52 -17.49
CA ASN B 101 32.31 -0.98 -18.16
C ASN B 101 32.59 -2.23 -18.98
N ARG B 102 33.76 -2.32 -19.60
CA ARG B 102 34.12 -3.50 -20.37
C ARG B 102 34.32 -4.71 -19.46
N GLU B 103 34.82 -4.49 -18.25
CA GLU B 103 35.08 -5.61 -17.34
C GLU B 103 33.79 -6.18 -16.75
N ILE B 104 32.84 -5.31 -16.40
CA ILE B 104 31.56 -5.79 -15.90
C ILE B 104 30.81 -6.55 -16.99
N GLY B 105 30.94 -6.10 -18.24
CA GLY B 105 30.32 -6.82 -19.34
C GLY B 105 30.93 -8.20 -19.54
N ASP B 106 32.26 -8.28 -19.56
CA ASP B 106 32.92 -9.58 -19.65
C ASP B 106 32.65 -10.43 -18.41
N TYR B 107 32.50 -9.80 -17.25
CA TYR B 107 32.27 -10.53 -16.01
C TYR B 107 30.95 -11.29 -16.05
N LEU B 108 29.93 -10.71 -16.69
CA LEU B 108 28.63 -11.36 -16.75
C LEU B 108 28.56 -12.36 -17.90
N ASP B 109 29.22 -12.07 -19.01
CA ASP B 109 29.13 -12.96 -20.17
C ASP B 109 29.95 -14.23 -19.95
N ARG B 110 31.11 -14.12 -19.31
CA ARG B 110 31.93 -15.30 -19.07
C ARG B 110 31.31 -16.23 -18.03
N ASN B 111 30.37 -15.75 -17.23
CA ASN B 111 29.67 -16.56 -16.26
C ASN B 111 28.25 -16.88 -16.69
N ASN B 112 27.87 -16.52 -17.92
CA ASN B 112 26.54 -16.78 -18.47
C ASN B 112 25.45 -16.24 -17.54
N PHE B 113 25.55 -14.95 -17.22
CA PHE B 113 24.57 -14.34 -16.34
C PHE B 113 23.19 -14.27 -16.98
N VAL B 114 23.14 -14.17 -18.32
CA VAL B 114 21.85 -14.22 -19.01
C VAL B 114 21.18 -15.56 -18.78
N GLU B 115 21.96 -16.63 -18.62
CA GLU B 115 21.39 -17.95 -18.35
C GLU B 115 21.00 -18.08 -16.88
N ARG B 116 21.87 -17.62 -15.98
CA ARG B 116 21.56 -17.70 -14.55
C ARG B 116 20.35 -16.85 -14.18
N LEU B 117 20.14 -15.75 -14.91
CA LEU B 117 18.99 -14.88 -14.62
C LEU B 117 17.67 -15.59 -14.87
N LYS B 118 17.61 -16.46 -15.87
CA LYS B 118 16.40 -17.22 -16.16
C LYS B 118 16.19 -18.32 -15.12
N GLN B 135 17.02 -1.83 -15.72
CA GLN B 135 17.52 -3.19 -15.54
C GLN B 135 18.61 -3.22 -14.48
N ILE B 136 18.22 -3.50 -13.24
CA ILE B 136 19.14 -3.54 -12.12
C ILE B 136 19.64 -4.96 -11.94
N TYR B 137 20.94 -5.12 -11.78
CA TYR B 137 21.57 -6.43 -11.69
C TYR B 137 21.94 -6.73 -10.25
N GLY B 138 21.70 -7.96 -9.82
CA GLY B 138 22.08 -8.38 -8.49
C GLY B 138 23.56 -8.72 -8.38
N ILE B 139 24.40 -7.83 -8.87
CA ILE B 139 25.85 -8.01 -8.87
C ILE B 139 26.45 -7.02 -7.89
N TYR B 140 27.36 -7.49 -7.04
CA TYR B 140 27.88 -6.66 -5.96
C TYR B 140 29.39 -6.67 -5.89
N TRP B 141 30.01 -7.80 -6.21
CA TRP B 141 31.43 -8.02 -5.95
C TRP B 141 32.25 -8.14 -7.23
N SER B 142 31.98 -7.27 -8.20
CA SER B 142 32.81 -7.24 -9.39
C SER B 142 34.10 -6.46 -9.11
N THR B 143 35.09 -6.67 -9.96
CA THR B 143 36.35 -5.94 -9.82
C THR B 143 36.17 -4.44 -9.93
N PRO B 144 35.42 -3.89 -10.91
CA PRO B 144 35.24 -2.42 -10.92
C PRO B 144 34.50 -1.89 -9.72
N GLN B 145 33.53 -2.64 -9.18
CA GLN B 145 32.76 -2.16 -8.04
C GLN B 145 33.63 -2.03 -6.79
N VAL B 146 34.44 -3.06 -6.51
CA VAL B 146 35.24 -3.06 -5.29
C VAL B 146 36.30 -1.97 -5.35
N GLU B 147 36.95 -1.79 -6.51
CA GLU B 147 37.99 -0.78 -6.62
C GLU B 147 37.42 0.63 -6.59
N ALA B 148 36.20 0.82 -7.13
CA ALA B 148 35.62 2.17 -7.13
C ALA B 148 35.20 2.61 -5.74
N ARG B 149 34.77 1.67 -4.89
CA ARG B 149 34.33 2.03 -3.55
C ARG B 149 35.50 2.48 -2.68
N GLN B 150 36.70 1.97 -2.93
CA GLN B 150 37.85 2.22 -2.08
C GLN B 150 38.82 3.25 -2.66
N ASP B 151 38.46 3.92 -3.75
CA ASP B 151 39.32 4.94 -4.32
C ASP B 151 39.42 6.13 -3.36
N LYS B 152 40.65 6.61 -3.16
CA LYS B 152 40.85 7.73 -2.23
C LYS B 152 40.31 9.04 -2.78
N ARG B 153 40.14 9.16 -4.09
CA ARG B 153 39.45 10.32 -4.64
C ARG B 153 37.96 10.28 -4.34
N GLN B 155 36.75 8.70 -1.66
CA GLN B 155 36.69 8.93 -0.22
C GLN B 155 36.67 10.41 0.11
N ALA B 156 37.51 11.20 -0.56
CA ALA B 156 37.53 12.64 -0.33
C ALA B 156 36.18 13.27 -0.70
N VAL B 157 35.54 12.77 -1.75
CA VAL B 157 34.23 13.27 -2.14
C VAL B 157 33.20 12.97 -1.05
N GLN B 158 33.19 11.72 -0.56
CA GLN B 158 32.22 11.34 0.45
C GLN B 158 32.50 12.02 1.79
N ILE B 159 33.75 12.37 2.07
CA ILE B 159 34.06 13.15 3.25
C ILE B 159 33.53 14.58 3.08
N PHE B 160 33.68 15.14 1.89
CA PHE B 160 33.18 16.49 1.63
C PHE B 160 31.66 16.57 1.71
N LEU B 161 30.97 15.51 1.28
CA LEU B 161 29.50 15.54 1.32
C LEU B 161 28.99 15.43 2.75
N ASN B 162 29.62 14.58 3.56
CA ASN B 162 29.16 14.41 4.94
C ASN B 162 29.40 15.67 5.78
N ASN B 163 30.44 16.44 5.44
CA ASN B 163 30.74 17.65 6.20
C ASN B 163 29.71 18.76 5.95
N LEU B 164 28.87 18.61 4.93
CA LEU B 164 27.79 19.58 4.70
C LEU B 164 26.70 19.47 5.75
N TRP B 165 26.68 18.41 6.55
CA TRP B 165 25.69 18.21 7.59
C TRP B 165 26.12 18.88 8.90
N GLN B 166 25.17 18.96 9.83
CA GLN B 166 25.43 19.40 11.19
C GLN B 166 25.44 18.14 12.05
N THR B 167 26.63 17.54 12.21
CA THR B 167 26.74 16.23 12.84
C THR B 167 26.60 16.27 14.35
N GLU B 168 26.82 17.43 14.98
CA GLU B 168 26.82 17.56 16.43
C GLU B 168 25.54 18.23 16.90
N SER B 169 24.99 17.73 18.01
CA SER B 169 23.81 18.33 18.63
C SER B 169 23.77 17.91 20.09
N ASN B 170 23.81 18.90 20.98
CA ASN B 170 23.72 18.68 22.43
C ASN B 170 24.83 17.76 22.93
N GLY B 171 26.06 18.10 22.57
CA GLY B 171 27.22 17.33 22.97
C GLY B 171 27.28 15.90 22.48
N LYS B 172 26.45 15.50 21.52
CA LYS B 172 26.47 14.14 21.00
C LYS B 172 26.90 14.17 19.54
N GLN B 173 27.82 13.27 19.18
CA GLN B 173 28.29 13.15 17.80
C GLN B 173 27.42 12.11 17.10
N HIS B 174 26.49 12.58 16.26
CA HIS B 174 25.52 11.67 15.67
C HIS B 174 26.14 10.81 14.59
N PHE B 175 27.18 11.29 13.93
CA PHE B 175 28.04 10.45 13.09
C PHE B 175 29.35 11.17 12.85
N ASP B 176 30.29 10.45 12.25
CA ASP B 176 31.62 10.97 11.95
C ASP B 176 31.69 11.30 10.46
N ALA B 177 31.66 12.60 10.15
CA ALA B 177 31.73 13.04 8.77
C ALA B 177 33.09 12.74 8.13
N ASN B 178 34.14 12.62 8.94
CA ASN B 178 35.49 12.36 8.45
C ASN B 178 35.81 10.87 8.42
N ARG B 179 34.80 10.01 8.55
CA ARG B 179 35.01 8.57 8.58
C ARG B 179 33.95 7.91 7.70
N VAL B 180 34.39 7.05 6.78
CA VAL B 180 33.54 6.51 5.74
C VAL B 180 33.43 5.00 5.90
N VAL B 181 32.22 4.48 5.73
CA VAL B 181 31.96 3.04 5.68
C VAL B 181 31.40 2.71 4.31
N THR B 182 31.66 1.48 3.86
CA THR B 182 31.27 1.05 2.52
C THR B 182 29.96 0.26 2.59
N TYR B 183 28.99 0.68 1.78
CA TYR B 183 27.72 -0.02 1.64
C TYR B 183 27.67 -0.60 0.22
N ALA B 184 27.87 -1.92 0.12
CA ALA B 184 27.79 -2.57 -1.18
C ALA B 184 26.38 -2.45 -1.75
N ASP B 185 26.30 -2.25 -3.06
CA ASP B 185 25.02 -2.06 -3.73
C ASP B 185 25.09 -2.71 -5.11
N ARG B 186 24.00 -2.57 -5.87
CA ARG B 186 23.85 -3.23 -7.16
C ARG B 186 24.45 -2.35 -8.26
N THR B 187 24.25 -2.78 -9.51
CA THR B 187 24.65 -2.01 -10.68
C THR B 187 23.52 -2.02 -11.69
N ARG B 188 23.49 -0.99 -12.54
CA ARG B 188 22.45 -0.83 -13.54
C ARG B 188 23.08 -0.86 -14.93
N ARG B 189 22.44 -1.56 -15.86
CA ARG B 189 22.88 -1.62 -17.24
C ARG B 189 21.64 -1.59 -18.13
N ARG B 190 21.44 -0.48 -18.84
CA ARG B 190 20.25 -0.30 -19.68
C ARG B 190 20.66 0.10 -21.09
N PRO B 191 20.47 -0.77 -22.08
CA PRO B 191 20.78 -0.41 -23.47
C PRO B 191 19.71 0.51 -24.04
N PRO B 192 20.01 1.23 -25.12
CA PRO B 192 19.00 2.10 -25.73
C PRO B 192 17.85 1.30 -26.33
N LYS B 193 16.72 1.98 -26.47
CA LYS B 193 15.50 1.41 -27.07
C LYS B 193 15.06 0.15 -26.35
N SER B 194 15.28 0.07 -25.04
CA SER B 194 14.90 -1.08 -24.25
C SER B 194 13.63 -0.77 -23.46
N SER B 195 12.80 -1.80 -23.28
CA SER B 195 11.53 -1.64 -22.60
C SER B 195 11.73 -1.58 -21.09
N SER B 196 11.06 -0.62 -20.45
CA SER B 196 11.12 -0.44 -19.01
C SER B 196 10.06 0.56 -18.59
N LEU B 197 9.50 0.35 -17.40
CA LEU B 197 8.60 1.33 -16.79
C LEU B 197 9.36 2.41 -16.04
N GLY B 198 10.69 2.34 -15.99
CA GLY B 198 11.47 3.30 -15.24
C GLY B 198 11.15 3.22 -13.76
N LEU B 199 11.28 4.37 -13.10
CA LEU B 199 10.95 4.50 -11.68
C LEU B 199 10.20 5.81 -11.49
N SER B 200 9.03 5.73 -10.85
CA SER B 200 8.26 6.93 -10.57
C SER B 200 8.95 7.76 -9.50
N PRO B 201 8.67 9.06 -9.45
CA PRO B 201 9.28 9.90 -8.40
C PRO B 201 8.97 9.37 -7.02
N HIS B 202 10.02 9.18 -6.23
CA HIS B 202 9.88 8.54 -4.93
C HIS B 202 11.00 9.02 -4.00
N VAL B 203 10.85 8.71 -2.72
CA VAL B 203 11.85 8.99 -1.70
C VAL B 203 12.08 7.72 -0.90
N ASP B 204 13.33 7.30 -0.80
CA ASP B 204 13.69 6.10 -0.06
C ASP B 204 13.92 6.43 1.42
N GLY B 205 13.73 5.42 2.26
CA GLY B 205 14.00 5.53 3.68
C GLY B 205 12.80 5.61 4.59
N GLY B 206 11.61 5.31 4.09
CA GLY B 206 10.41 5.32 4.91
C GLY B 206 9.27 6.09 4.26
N SER B 207 8.04 5.68 4.59
CA SER B 207 6.85 6.32 4.03
C SER B 207 5.92 6.80 5.14
N ILE B 208 4.98 5.96 5.53
CA ILE B 208 4.04 6.33 6.59
C ILE B 208 4.73 6.50 7.93
N GLU B 209 5.90 5.88 8.12
CA GLU B 209 6.62 6.03 9.38
C GLU B 209 7.02 7.46 9.65
N ARG B 210 7.12 8.30 8.61
CA ARG B 210 7.46 9.70 8.81
C ARG B 210 6.37 10.45 9.57
N TRP B 211 5.13 9.95 9.56
CA TRP B 211 4.05 10.50 10.36
C TRP B 211 3.77 9.70 11.62
N LEU B 212 3.99 8.39 11.59
CA LEU B 212 3.63 7.50 12.69
C LEU B 212 4.73 7.36 13.72
N ASP B 213 5.96 7.14 13.28
CA ASP B 213 7.07 6.92 14.20
C ASP B 213 7.44 8.21 14.92
N GLU B 214 7.80 8.08 16.21
CA GLU B 214 8.14 9.24 17.01
C GLU B 214 9.53 9.77 16.70
N ASN B 215 10.47 8.89 16.34
CA ASN B 215 11.80 9.35 15.98
C ASN B 215 11.79 10.14 14.67
N PHE B 216 10.92 9.76 13.74
CA PHE B 216 10.77 10.53 12.51
C PHE B 216 10.21 11.91 12.80
N ARG B 217 9.18 11.99 13.64
CA ARG B 217 8.61 13.28 14.02
C ARG B 217 9.57 14.13 14.83
N HIS B 218 10.65 13.55 15.34
CA HIS B 218 11.71 14.34 15.95
C HIS B 218 12.63 14.95 14.90
N VAL B 219 12.85 14.25 13.79
CA VAL B 219 13.60 14.82 12.68
C VAL B 219 12.83 15.98 12.07
N TYR B 220 11.51 15.89 12.02
CA TYR B 220 10.66 16.93 11.46
C TYR B 220 9.86 17.64 12.54
N ARG B 221 10.48 17.86 13.71
CA ARG B 221 9.78 18.50 14.81
C ARG B 221 9.43 19.95 14.49
N HIS B 222 10.29 20.63 13.72
CA HIS B 222 10.01 22.03 13.38
C HIS B 222 8.93 22.15 12.32
N VAL B 223 8.71 21.11 11.51
CA VAL B 223 7.64 21.14 10.53
C VAL B 223 6.29 20.97 11.20
N PHE B 224 6.19 20.05 12.16
CA PHE B 224 4.93 19.78 12.85
C PHE B 224 4.64 20.79 13.96
N SER B 225 5.49 21.80 14.14
CA SER B 225 5.25 22.84 15.13
C SER B 225 4.86 24.17 14.50
N GLY B 226 5.04 24.34 13.19
CA GLY B 226 4.77 25.59 12.52
C GLY B 226 5.98 26.44 12.24
N GLN B 227 7.14 26.08 12.79
CA GLN B 227 8.38 26.83 12.59
C GLN B 227 9.20 26.19 11.46
N TRP B 228 8.57 26.12 10.29
CA TRP B 228 9.19 25.45 9.14
C TRP B 228 10.48 26.15 8.69
N GLN B 229 10.64 27.44 9.01
CA GLN B 229 11.86 28.14 8.63
C GLN B 229 13.08 27.56 9.33
N LYS B 230 12.90 27.01 10.53
CA LYS B 230 14.00 26.42 11.29
C LYS B 230 14.26 24.97 10.94
N TYR B 231 13.50 24.39 10.01
CA TYR B 231 13.76 23.00 9.60
C TYR B 231 15.02 22.95 8.75
N ASP B 232 15.99 22.14 9.20
CA ASP B 232 17.24 21.97 8.47
C ASP B 232 17.30 20.56 7.91
N PRO B 233 17.21 20.38 6.59
CA PRO B 233 17.34 19.03 6.02
C PRO B 233 18.71 18.41 6.26
N PHE B 234 19.72 19.20 6.60
CA PHE B 234 21.07 18.71 6.85
C PHE B 234 21.38 18.60 8.34
N ALA B 235 20.37 18.73 9.20
CA ALA B 235 20.55 18.44 10.62
C ALA B 235 20.56 16.92 10.82
N ALA B 236 21.61 16.43 11.47
CA ALA B 236 21.84 15.00 11.60
C ALA B 236 21.09 14.36 12.76
N GLU B 237 20.62 15.16 13.73
CA GLU B 237 20.04 14.60 14.94
C GLU B 237 18.75 13.84 14.63
N GLY B 238 18.65 12.62 15.16
CA GLY B 238 17.44 11.83 15.11
C GLY B 238 17.32 10.92 13.91
N ARG B 239 18.15 11.11 12.89
CA ARG B 239 18.03 10.34 11.66
C ARG B 239 18.54 8.90 11.80
N PRO B 240 19.68 8.66 12.46
CA PRO B 240 20.12 7.25 12.63
C PRO B 240 19.22 6.42 13.53
N GLU B 241 18.30 7.04 14.28
CA GLU B 241 17.45 6.32 15.22
C GLU B 241 16.01 6.17 14.72
N VAL B 242 15.78 6.31 13.42
CA VAL B 242 14.44 6.18 12.87
C VAL B 242 14.05 4.71 12.84
N ARG B 243 12.76 4.44 13.06
CA ARG B 243 12.22 3.09 13.08
C ARG B 243 11.34 2.89 11.84
N GLU B 244 11.70 1.92 11.01
CA GLU B 244 10.96 1.61 9.79
C GLU B 244 10.27 0.27 9.92
N PHE B 245 9.20 0.10 9.14
CA PHE B 245 8.53 -1.19 9.08
C PHE B 245 9.43 -2.21 8.40
N PRO B 246 9.67 -3.37 9.03
CA PRO B 246 10.52 -4.39 8.39
C PRO B 246 9.96 -4.81 7.04
N SER B 247 10.77 -4.64 5.99
CA SER B 247 10.35 -4.90 4.62
C SER B 247 11.61 -4.99 3.75
N PRO B 248 11.49 -5.52 2.52
CA PRO B 248 12.64 -5.52 1.59
C PRO B 248 13.10 -4.12 1.21
N ALA B 249 12.30 -3.08 1.47
CA ALA B 249 12.67 -1.71 1.13
C ALA B 249 13.56 -1.04 2.18
N VAL B 250 13.78 -1.68 3.32
CA VAL B 250 14.55 -1.08 4.40
C VAL B 250 16.04 -1.14 4.07
N CYS B 251 16.74 -0.07 4.39
CA CYS B 251 18.20 -0.02 4.30
C CYS B 251 18.76 -0.02 5.72
N SER B 252 19.61 -1.02 6.01
CA SER B 252 20.18 -1.13 7.34
C SER B 252 21.11 0.01 7.69
N PHE B 254 22.28 4.10 7.56
CA PHE B 254 21.86 5.49 7.36
C PHE B 254 22.83 6.14 6.39
N ARG B 255 22.34 6.50 5.21
CA ARG B 255 23.14 7.15 4.18
C ARG B 255 22.82 8.63 4.15
N THR B 256 23.86 9.47 4.24
CA THR B 256 23.66 10.91 4.11
C THR B 256 23.24 11.27 2.70
N PHE B 257 23.90 10.69 1.69
CA PHE B 257 23.57 10.94 0.30
C PHE B 257 23.52 9.63 -0.46
N GLN B 258 22.51 9.48 -1.31
CA GLN B 258 22.50 8.42 -2.30
C GLN B 258 23.15 8.93 -3.58
N GLY B 259 23.75 8.02 -4.34
CA GLY B 259 24.40 8.42 -5.57
C GLY B 259 24.89 7.22 -6.35
N TRP B 260 25.42 7.51 -7.54
CA TRP B 260 26.01 6.47 -8.36
C TRP B 260 27.14 7.04 -9.20
N THR B 261 27.91 6.14 -9.82
CA THR B 261 29.04 6.50 -10.67
C THR B 261 28.74 6.08 -12.10
N ALA B 262 29.06 6.97 -13.04
CA ALA B 262 28.75 6.74 -14.44
C ALA B 262 29.82 5.86 -15.09
N LEU B 263 29.40 4.75 -15.68
CA LEU B 263 30.28 3.92 -16.49
C LEU B 263 30.20 4.27 -17.97
N THR B 264 29.10 4.86 -18.41
CA THR B 264 28.87 5.25 -19.78
C THR B 264 28.38 6.69 -19.80
N PRO B 265 28.40 7.35 -20.97
CA PRO B 265 27.83 8.69 -21.04
C PRO B 265 26.36 8.71 -20.64
N GLN B 266 26.00 9.73 -19.86
CA GLN B 266 24.62 9.92 -19.41
C GLN B 266 24.03 11.14 -20.10
N ARG B 267 22.87 10.97 -20.72
CA ARG B 267 22.25 12.02 -21.52
C ARG B 267 20.80 12.22 -21.08
N THR B 268 20.23 13.33 -21.52
CA THR B 268 18.81 13.60 -21.27
C THR B 268 17.95 12.76 -22.19
N HIS B 269 16.84 12.26 -21.66
CA HIS B 269 15.96 11.33 -22.37
C HIS B 269 16.70 10.05 -22.77
N ALA B 270 17.75 9.71 -22.01
CA ALA B 270 18.53 8.50 -22.25
C ALA B 270 18.35 7.49 -21.12
N GLY B 271 17.17 7.49 -20.49
CA GLY B 271 16.87 6.52 -19.45
C GLY B 271 17.75 6.60 -18.23
N THR B 272 18.02 7.82 -17.74
CA THR B 272 18.87 8.02 -16.58
C THR B 272 18.09 8.77 -15.49
N LEU B 273 18.83 9.25 -14.49
CA LEU B 273 18.21 9.78 -13.29
C LEU B 273 17.57 11.14 -13.53
N ASN B 274 16.44 11.38 -12.88
CA ASN B 274 15.83 12.70 -12.77
C ASN B 274 15.59 12.99 -11.30
N VAL B 275 15.70 14.26 -10.92
CA VAL B 275 15.57 14.67 -9.52
C VAL B 275 14.72 15.93 -9.43
N ILE B 276 14.16 16.13 -8.24
CA ILE B 276 13.50 17.39 -7.88
C ILE B 276 14.43 18.13 -6.94
N PRO B 277 15.22 19.08 -7.43
CA PRO B 277 16.26 19.69 -6.60
C PRO B 277 15.71 20.63 -5.53
N ILE B 278 14.96 20.08 -4.57
CA ILE B 278 14.43 20.84 -3.44
C ILE B 278 14.70 20.03 -2.19
N ALA B 279 15.60 20.52 -1.34
CA ALA B 279 16.02 19.75 -0.18
C ALA B 279 14.92 19.64 0.87
N ASN B 280 14.15 20.71 1.07
CA ASN B 280 13.10 20.74 2.08
C ASN B 280 11.73 20.42 1.50
N ALA B 281 11.69 19.67 0.40
CA ALA B 281 10.42 19.29 -0.21
C ALA B 281 9.60 18.38 0.69
N ALA B 283 8.93 18.79 3.79
CA ALA B 283 8.04 19.64 4.58
C ALA B 283 6.73 19.89 3.86
N TYR B 284 6.79 20.12 2.55
CA TYR B 284 5.57 20.26 1.77
C TYR B 284 4.78 18.95 1.72
N ILE B 285 5.49 17.82 1.74
CA ILE B 285 4.82 16.53 1.63
C ILE B 285 4.20 16.12 2.97
N LEU B 286 4.89 16.39 4.07
CA LEU B 286 4.36 16.03 5.39
C LEU B 286 3.10 16.82 5.72
N LEU B 287 3.11 18.13 5.42
CA LEU B 287 1.97 18.98 5.72
C LEU B 287 0.84 18.84 4.72
N ARG B 288 1.13 18.39 3.50
CA ARG B 288 0.08 18.19 2.51
C ARG B 288 -0.92 17.14 2.98
N ALA B 289 -0.45 16.12 3.68
CA ALA B 289 -1.31 15.03 4.13
C ALA B 289 -2.26 15.45 5.24
N LEU B 290 -2.03 16.60 5.89
CA LEU B 290 -2.83 17.02 7.02
C LEU B 290 -3.91 18.03 6.64
N GLN B 291 -4.16 18.23 5.35
CA GLN B 291 -5.16 19.19 4.93
C GLN B 291 -6.57 18.58 4.99
N ASP B 292 -7.57 19.43 4.77
CA ASP B 292 -8.96 19.02 4.87
C ASP B 292 -9.46 18.29 3.63
N ASP B 293 -8.74 18.36 2.52
CA ASP B 293 -9.14 17.65 1.30
C ASP B 293 -8.66 16.21 1.29
N VAL B 294 -7.84 15.80 2.24
CA VAL B 294 -7.32 14.44 2.34
C VAL B 294 -8.18 13.66 3.32
N ALA B 295 -8.40 12.37 3.03
CA ALA B 295 -9.18 11.53 3.92
C ALA B 295 -8.52 11.45 5.30
N ASP B 296 -9.34 11.24 6.32
CA ASP B 296 -8.87 11.23 7.69
C ASP B 296 -7.99 10.03 8.03
N ASP B 297 -7.96 9.00 7.16
CA ASP B 297 -7.15 7.81 7.40
C ASP B 297 -6.15 7.57 6.28
N ASP B 298 -5.86 8.59 5.47
CA ASP B 298 -4.97 8.45 4.33
C ASP B 298 -3.86 9.49 4.41
N LEU B 299 -2.64 9.07 4.09
CA LEU B 299 -1.50 9.97 4.02
C LEU B 299 -1.09 10.22 2.58
N CYS B 300 -2.07 10.59 1.74
CA CYS B 300 -1.85 10.86 0.33
C CYS B 300 -1.24 9.66 -0.40
N GLY B 301 -1.80 8.48 -0.13
CA GLY B 301 -1.41 7.28 -0.82
C GLY B 301 -0.17 6.59 -0.29
N ALA B 302 0.42 7.09 0.80
CA ALA B 302 1.59 6.43 1.37
C ALA B 302 1.20 5.07 1.94
N ALA B 303 2.05 4.07 1.70
CA ALA B 303 1.75 2.70 2.05
C ALA B 303 2.97 2.06 2.72
N PRO B 304 2.74 1.13 3.65
CA PRO B 304 3.88 0.47 4.32
C PRO B 304 4.64 -0.44 3.37
N GLY B 305 5.93 -0.57 3.61
CA GLY B 305 6.78 -1.40 2.79
C GLY B 305 7.05 -0.88 1.40
N ARG B 306 6.60 0.34 1.08
CA ARG B 306 6.80 0.93 -0.23
C ARG B 306 7.41 2.31 -0.07
N ALA B 307 8.19 2.72 -1.07
CA ALA B 307 8.83 4.02 -1.05
C ALA B 307 7.78 5.13 -1.12
N LEU B 308 8.01 6.20 -0.37
CA LEU B 308 7.12 7.36 -0.39
C LEU B 308 7.16 8.02 -1.77
N SER B 309 6.06 7.94 -2.50
CA SER B 309 5.98 8.45 -3.86
C SER B 309 5.34 9.83 -3.88
N ALA B 310 5.87 10.71 -4.73
CA ALA B 310 5.30 12.02 -5.01
C ALA B 310 4.39 11.91 -6.23
N SER B 311 3.09 12.08 -6.02
CA SER B 311 2.11 11.85 -7.05
C SER B 311 1.76 13.15 -7.78
N GLU B 312 1.26 12.98 -9.00
CA GLU B 312 0.77 14.11 -9.79
C GLU B 312 -0.55 14.65 -9.26
N GLN B 313 -1.24 13.92 -8.39
CA GLN B 313 -2.52 14.34 -7.85
C GLN B 313 -2.38 15.10 -6.54
N TRP B 314 -1.51 14.65 -5.64
CA TRP B 314 -1.39 15.27 -4.32
C TRP B 314 -0.32 16.34 -4.28
N HIS B 315 0.74 16.23 -5.08
CA HIS B 315 1.82 17.22 -5.11
C HIS B 315 2.09 17.64 -6.55
N PRO B 316 1.14 18.31 -7.20
CA PRO B 316 1.39 18.78 -8.58
C PRO B 316 2.42 19.89 -8.65
N LEU B 317 2.60 20.65 -7.56
CA LEU B 317 3.59 21.72 -7.55
C LEU B 317 5.00 21.15 -7.61
N LEU B 318 5.23 20.01 -6.94
CA LEU B 318 6.56 19.41 -6.95
C LEU B 318 6.89 18.76 -8.28
N GLU B 320 6.22 19.79 -11.12
CA GLU B 320 6.66 20.83 -12.05
C GLU B 320 8.17 21.05 -11.98
N ALA B 321 8.81 20.61 -10.91
CA ALA B 321 10.25 20.81 -10.71
C ALA B 321 11.06 19.58 -11.10
N ILE B 322 10.47 18.62 -11.81
CA ILE B 322 11.22 17.46 -12.26
C ILE B 322 12.30 17.92 -13.23
N SER B 323 13.55 17.62 -12.90
CA SER B 323 14.69 18.11 -13.68
C SER B 323 15.63 16.97 -14.04
N PRO B 324 16.12 16.94 -15.28
CA PRO B 324 17.14 15.96 -15.64
C PRO B 324 18.50 16.35 -15.07
N ILE B 325 19.35 15.34 -14.93
CA ILE B 325 20.72 15.55 -14.44
C ILE B 325 21.54 16.14 -15.57
N PRO B 326 22.64 16.84 -15.27
CA PRO B 326 23.50 17.34 -16.34
C PRO B 326 24.13 16.20 -17.13
N ASP B 327 24.59 16.52 -18.33
CA ASP B 327 25.27 15.54 -19.17
C ASP B 327 26.56 15.09 -18.50
N LEU B 328 26.70 13.78 -18.33
CA LEU B 328 27.85 13.20 -17.65
C LEU B 328 28.61 12.27 -18.60
N GLU B 329 29.91 12.16 -18.35
CA GLU B 329 30.77 11.22 -19.07
C GLU B 329 31.18 10.10 -18.14
N ALA B 330 31.80 9.07 -18.71
CA ALA B 330 32.30 7.95 -17.92
C ALA B 330 33.35 8.44 -16.94
N GLY B 331 33.12 8.21 -15.65
CA GLY B 331 33.98 8.69 -14.60
C GLY B 331 33.37 9.76 -13.73
N ASP B 332 32.26 10.36 -14.14
CA ASP B 332 31.56 11.36 -13.35
C ASP B 332 30.61 10.69 -12.36
N THR B 333 30.19 11.45 -11.36
CA THR B 333 29.28 10.96 -10.34
C THR B 333 28.15 11.98 -10.14
N VAL B 334 27.17 11.57 -9.36
CA VAL B 334 26.06 12.44 -8.96
C VAL B 334 25.46 11.91 -7.67
N PHE B 335 25.24 12.80 -6.71
CA PHE B 335 24.71 12.44 -5.40
C PHE B 335 23.48 13.27 -5.10
N TRP B 336 22.60 12.73 -4.26
CA TRP B 336 21.40 13.46 -3.87
C TRP B 336 21.04 13.14 -2.42
N HIS B 337 20.49 14.13 -1.74
CA HIS B 337 20.10 13.99 -0.34
C HIS B 337 19.09 12.86 -0.18
N CYS B 338 19.11 12.22 0.99
CA CYS B 338 18.26 11.07 1.24
C CYS B 338 16.77 11.41 1.23
N ASP B 339 16.41 12.69 1.30
CA ASP B 339 15.02 13.13 1.25
C ASP B 339 14.65 13.74 -0.09
N VAL B 340 15.57 13.77 -1.06
CA VAL B 340 15.30 14.38 -2.36
C VAL B 340 14.48 13.40 -3.21
N ILE B 341 13.40 13.89 -3.79
CA ILE B 341 12.59 13.08 -4.70
C ILE B 341 13.37 12.83 -5.97
N HIS B 342 13.42 11.57 -6.41
CA HIS B 342 14.18 11.20 -7.59
C HIS B 342 13.42 10.15 -8.39
N SER B 343 13.84 9.97 -9.63
CA SER B 343 13.21 9.05 -10.55
C SER B 343 14.16 8.77 -11.70
N VAL B 344 13.80 7.81 -12.55
CA VAL B 344 14.54 7.52 -13.77
C VAL B 344 13.56 7.50 -14.93
N GLU B 345 14.05 7.89 -16.11
CA GLU B 345 13.21 7.93 -17.30
C GLU B 345 12.89 6.53 -17.79
N ASN B 346 11.66 6.35 -18.28
CA ASN B 346 11.22 5.05 -18.75
C ASN B 346 11.53 4.83 -20.23
N GLU B 347 11.77 5.88 -20.99
CA GLU B 347 12.16 5.76 -22.39
C GLU B 347 13.66 6.06 -22.53
N HIS B 348 14.36 5.20 -23.25
CA HIS B 348 15.79 5.37 -23.53
C HIS B 348 15.92 5.64 -25.03
N ASN B 349 15.79 6.91 -25.40
CA ASN B 349 15.95 7.35 -26.79
C ASN B 349 17.30 8.01 -27.01
N GLY B 350 18.37 7.36 -26.54
CA GLY B 350 19.71 7.86 -26.68
C GLY B 350 20.56 6.99 -27.59
N GLU B 351 21.83 7.38 -27.70
CA GLU B 351 22.77 6.66 -28.55
C GLU B 351 23.69 5.72 -27.79
N PHE B 352 24.00 6.03 -26.53
CA PHE B 352 24.89 5.22 -25.72
C PHE B 352 24.11 4.51 -24.62
N ASP B 353 24.72 3.45 -24.10
CA ASP B 353 24.14 2.76 -22.95
C ASP B 353 24.15 3.66 -21.73
N SER B 354 23.33 3.29 -20.74
CA SER B 354 23.23 4.01 -19.48
C SER B 354 23.54 3.01 -18.36
N ASN B 355 24.83 2.82 -18.11
CA ASN B 355 25.31 1.88 -17.09
C ASN B 355 25.92 2.66 -15.93
N VAL B 356 25.47 2.36 -14.71
CA VAL B 356 25.92 3.05 -13.51
C VAL B 356 26.22 2.03 -12.42
N TYR B 358 25.94 1.87 -8.23
CA TYR B 358 25.39 2.55 -7.07
C TYR B 358 26.43 2.58 -5.95
N ILE B 359 26.93 3.77 -5.65
CA ILE B 359 27.91 3.99 -4.59
C ILE B 359 27.49 5.24 -3.84
N ALA B 360 26.97 5.06 -2.63
CA ALA B 360 26.43 6.15 -1.82
C ALA B 360 27.49 6.66 -0.85
N ALA B 361 27.10 7.64 -0.05
CA ALA B 361 27.96 8.26 0.95
C ALA B 361 27.41 7.90 2.33
N ALA B 362 28.01 6.91 2.97
CA ALA B 362 27.58 6.45 4.28
C ALA B 362 28.64 6.77 5.32
N PRO B 363 28.32 7.55 6.34
CA PRO B 363 29.30 7.86 7.38
C PRO B 363 29.32 6.78 8.47
N TRP B 364 30.31 6.89 9.35
CA TRP B 364 30.45 5.92 10.43
C TRP B 364 29.54 6.31 11.59
N CYS B 365 28.79 5.33 12.08
CA CYS B 365 28.00 5.46 13.30
C CYS B 365 27.70 4.06 13.81
N GLU B 366 27.12 4.00 15.02
CA GLU B 366 26.85 2.71 15.63
C GLU B 366 25.85 1.90 14.82
N LYS B 367 24.95 2.58 14.11
CA LYS B 367 23.99 1.88 13.26
C LYS B 367 24.68 1.21 12.08
N ASN B 368 25.59 1.93 11.41
CA ASN B 368 26.22 1.38 10.22
C ASN B 368 27.28 0.34 10.60
N ALA B 369 27.98 0.55 11.72
CA ALA B 369 29.02 -0.39 12.12
C ALA B 369 28.45 -1.76 12.48
N ALA B 370 27.19 -1.81 12.91
CA ALA B 370 26.55 -3.08 13.21
C ALA B 370 26.26 -3.89 11.95
N TYR B 371 26.15 -3.23 10.80
CA TYR B 371 25.89 -3.91 9.54
C TYR B 371 27.16 -4.45 8.88
N LEU B 372 28.32 -3.95 9.29
CA LEU B 372 29.57 -4.34 8.65
C LEU B 372 29.91 -5.83 8.78
N PRO B 373 29.74 -6.48 9.94
CA PRO B 373 30.12 -7.91 10.01
C PRO B 373 29.39 -8.79 9.01
N ARG B 374 28.05 -8.73 8.95
CA ARG B 374 27.32 -9.61 8.06
C ARG B 374 27.44 -9.22 6.59
N GLN B 375 27.92 -8.00 6.30
CA GLN B 375 28.21 -7.66 4.91
C GLN B 375 29.54 -8.26 4.46
N LEU B 376 30.53 -8.27 5.36
CA LEU B 376 31.84 -8.83 5.01
C LEU B 376 31.75 -10.34 4.78
N ALA B 377 30.89 -11.02 5.54
CA ALA B 377 30.72 -12.46 5.36
C ALA B 377 30.16 -12.78 3.98
N SER B 378 29.26 -11.94 3.47
CA SER B 378 28.72 -12.15 2.14
C SER B 378 29.75 -11.83 1.06
N PHE B 379 30.69 -10.92 1.35
CA PHE B 379 31.75 -10.61 0.40
C PHE B 379 32.68 -11.81 0.21
N ILE B 380 33.15 -12.39 1.31
CA ILE B 380 34.07 -13.52 1.23
C ILE B 380 33.39 -14.72 0.56
N ASP B 381 32.11 -14.95 0.88
CA ASP B 381 31.41 -16.07 0.27
C ASP B 381 31.01 -15.77 -1.17
N GLY B 382 30.87 -14.49 -1.52
CA GLY B 382 30.33 -14.12 -2.81
C GLY B 382 28.82 -14.06 -2.87
N ARG B 383 28.15 -14.12 -1.73
CA ARG B 383 26.70 -14.08 -1.67
C ARG B 383 26.20 -12.64 -1.80
N SER B 384 24.88 -12.49 -1.81
CA SER B 384 24.29 -11.17 -1.83
C SER B 384 24.30 -10.57 -0.42
N PRO B 385 24.47 -9.26 -0.31
CA PRO B 385 24.45 -8.60 1.00
C PRO B 385 23.13 -8.83 1.71
N PRO B 386 23.10 -8.69 3.04
CA PRO B 386 21.86 -9.02 3.77
C PRO B 386 20.66 -8.16 3.39
N ASP B 387 20.88 -6.91 2.99
CA ASP B 387 19.78 -6.00 2.68
C ASP B 387 19.12 -6.28 1.34
N PHE B 388 19.53 -7.32 0.62
CA PHE B 388 19.03 -7.59 -0.72
C PHE B 388 18.49 -9.01 -0.80
N ALA B 389 17.95 -9.36 -1.96
CA ALA B 389 17.44 -10.71 -2.18
C ALA B 389 18.61 -11.70 -2.28
N ALA B 390 18.40 -12.89 -1.72
CA ALA B 390 19.45 -13.91 -1.65
C ALA B 390 19.58 -14.62 -3.01
N ASP B 391 20.10 -13.86 -3.98
CA ASP B 391 20.34 -14.43 -5.30
C ASP B 391 21.61 -15.28 -5.31
N ASP B 392 22.69 -14.74 -4.74
CA ASP B 392 23.97 -15.46 -4.62
C ASP B 392 24.48 -15.91 -5.99
N PHE B 393 24.53 -14.97 -6.93
CA PHE B 393 24.98 -15.28 -8.27
C PHE B 393 26.49 -15.54 -8.30
N GLU B 394 27.27 -14.67 -7.65
CA GLU B 394 28.71 -14.63 -7.80
C GLU B 394 29.44 -15.58 -6.87
N VAL B 395 28.76 -16.59 -6.32
CA VAL B 395 29.43 -17.55 -5.45
C VAL B 395 30.55 -18.26 -6.19
N ASP B 396 30.31 -18.63 -7.45
CA ASP B 396 31.29 -19.35 -8.25
C ASP B 396 31.68 -18.57 -9.50
N PHE B 397 31.47 -17.26 -9.53
CA PHE B 397 31.81 -16.46 -10.69
C PHE B 397 33.32 -16.38 -10.87
N ILE B 398 33.75 -16.49 -12.12
CA ILE B 398 35.17 -16.34 -12.47
C ILE B 398 35.52 -14.86 -12.44
N GLY B 399 36.59 -14.52 -11.72
CA GLY B 399 37.04 -13.14 -11.66
C GLY B 399 36.36 -12.29 -10.61
N ARG B 400 35.62 -12.89 -9.68
CA ARG B 400 35.02 -12.12 -8.59
C ARG B 400 36.11 -11.55 -7.69
N ALA B 401 35.95 -10.27 -7.33
CA ALA B 401 36.92 -9.62 -6.46
C ALA B 401 36.91 -10.28 -5.08
N THR B 402 38.10 -10.41 -4.51
CA THR B 402 38.29 -11.00 -3.20
C THR B 402 38.96 -9.99 -2.27
N ILE B 403 39.39 -10.47 -1.09
CA ILE B 403 40.15 -9.62 -0.18
C ILE B 403 41.51 -9.27 -0.76
N LYS B 404 42.00 -10.06 -1.73
CA LYS B 404 43.26 -9.71 -2.39
C LYS B 404 43.15 -8.39 -3.14
N ASN B 405 41.96 -8.05 -3.63
CA ASN B 405 41.75 -6.81 -4.37
C ASN B 405 41.58 -5.60 -3.48
N LEU B 406 41.51 -5.80 -2.15
CA LEU B 406 41.27 -4.70 -1.23
C LEU B 406 42.56 -4.02 -0.83
N THR B 407 42.53 -2.68 -0.83
CA THR B 407 43.57 -1.88 -0.22
C THR B 407 43.26 -1.71 1.26
N GLU B 408 44.16 -1.07 1.99
CA GLU B 408 43.89 -0.83 3.41
C GLU B 408 42.75 0.15 3.61
N ILE B 409 42.53 1.05 2.66
CA ILE B 409 41.35 1.91 2.71
C ILE B 409 40.08 1.07 2.60
N GLY B 410 40.05 0.15 1.64
CA GLY B 410 38.89 -0.71 1.49
C GLY B 410 38.68 -1.63 2.67
N LYS B 411 39.77 -2.10 3.28
CA LYS B 411 39.65 -2.94 4.47
C LYS B 411 38.97 -2.19 5.61
N GLN B 412 39.46 -1.00 5.92
CA GLN B 412 38.92 -0.23 7.03
C GLN B 412 37.46 0.14 6.79
N GLN B 413 37.10 0.48 5.55
CA GLN B 413 35.72 0.84 5.24
C GLN B 413 34.78 -0.35 5.27
N LEU B 414 35.29 -1.58 5.41
CA LEU B 414 34.47 -2.77 5.53
C LEU B 414 34.52 -3.37 6.93
N GLY B 415 35.14 -2.67 7.88
CA GLY B 415 35.26 -3.15 9.24
C GLY B 415 36.50 -3.96 9.53
N ILE B 416 37.37 -4.16 8.53
CA ILE B 416 38.60 -4.93 8.72
C ILE B 416 39.63 -4.01 9.39
N THR B 417 40.00 -4.35 10.62
CA THR B 417 40.99 -3.57 11.37
C THR B 417 42.04 -4.48 12.00
#